data_2GEZ
#
_entry.id   2GEZ
#
_cell.length_a   47.68
_cell.length_b   60.20
_cell.length_c   114.63
_cell.angle_alpha   100.6
_cell.angle_beta   92.9
_cell.angle_gamma   113.4
#
_symmetry.space_group_name_H-M   'P 1'
#
loop_
_entity.id
_entity.type
_entity.pdbx_description
1 polymer 'L-asparaginase alpha subunit'
2 polymer 'L-asparaginase beta subunit'
3 non-polymer 'SODIUM ION'
4 non-polymer 'CHLORIDE ION'
5 water water
#
loop_
_entity_poly.entity_id
_entity_poly.type
_entity_poly.pdbx_seq_one_letter_code
_entity_poly.pdbx_strand_id
1 'polypeptide(L)'
;GSHMGGWSIALHGGAGDIPFSLPPERRKPREEGLRHCLQIGVEALKAQKPPLDVVELVVRELENIEHFNAGIGSVLTNSG
TVEMEASIMDGNTMKCGAVSGLSTVLNPISLARLVMDKTPHIYLAFQGAQDFAKQQGVETVDSSHLITAENVERLKLAIE
ANRVQVDYSQYNYPEPVKDDAEKELPLTNGDSQIG
;
A,C,E,G
2 'polypeptide(L)'
;TVGCVAVDSHGNLASATSTGGLVNKMVGRIGDTPLIGAGTYANELCAVSATGKGEEIIRATVARDVAALMEFKGLSLKEA
ADFVIHERTPKGTVGLIAVSAAGEIAMPFNTTGMFRACATEDGYSEIAIWPTT
;
B,D,F,H
#
loop_
_chem_comp.id
_chem_comp.type
_chem_comp.name
_chem_comp.formula
CL non-polymer 'CHLORIDE ION' 'Cl -1'
NA non-polymer 'SODIUM ION' 'Na 1'
#
# COMPACT_ATOMS: atom_id res chain seq x y z
N GLY A 5 38.05 34.75 25.28
CA GLY A 5 36.93 33.80 24.99
C GLY A 5 36.23 33.29 26.25
N GLY A 6 34.91 33.21 26.23
CA GLY A 6 34.16 32.66 27.34
C GLY A 6 32.73 32.30 26.96
N TRP A 7 32.17 31.34 27.69
CA TRP A 7 30.78 30.93 27.52
C TRP A 7 29.83 32.02 27.95
N SER A 8 28.60 31.94 27.43
CA SER A 8 27.48 32.79 27.89
C SER A 8 26.17 31.95 27.89
N ILE A 9 25.19 32.35 28.67
CA ILE A 9 23.88 31.69 28.67
C ILE A 9 22.77 32.71 28.91
N ALA A 10 21.68 32.53 28.20
CA ALA A 10 20.44 33.26 28.47
C ALA A 10 19.30 32.25 28.57
N LEU A 11 18.33 32.57 29.41
CA LEU A 11 17.16 31.74 29.54
C LEU A 11 15.94 32.58 29.90
N HIS A 12 14.76 32.06 29.55
CA HIS A 12 13.49 32.70 29.88
C HIS A 12 12.43 31.69 30.35
N GLY A 13 11.41 32.20 31.02
CA GLY A 13 10.24 31.44 31.43
C GLY A 13 8.98 32.19 31.09
N GLY A 14 9.02 32.86 29.93
CA GLY A 14 7.83 33.40 29.28
C GLY A 14 7.77 34.90 29.21
N ALA A 15 7.25 35.41 28.10
CA ALA A 15 7.05 36.86 27.90
C ALA A 15 5.58 37.15 27.84
N GLY A 16 5.17 38.38 28.19
CA GLY A 16 3.78 38.77 28.12
C GLY A 16 3.44 39.90 29.07
N ASP A 17 2.16 40.07 29.38
CA ASP A 17 1.79 41.17 30.23
C ASP A 17 1.90 40.76 31.69
N ILE A 18 2.98 41.17 32.34
CA ILE A 18 3.26 40.82 33.71
C ILE A 18 3.03 42.06 34.55
N PRO A 19 2.01 42.04 35.43
CA PRO A 19 1.54 43.28 36.05
C PRO A 19 2.48 43.88 37.09
N PHE A 20 2.43 45.20 37.26
CA PHE A 20 2.95 45.86 38.47
C PHE A 20 2.18 45.35 39.69
N SER A 21 0.98 44.82 39.42
CA SER A 21 0.11 44.29 40.45
C SER A 21 0.44 42.82 40.74
N LEU A 22 1.73 42.46 40.70
CA LEU A 22 2.14 41.04 40.75
C LEU A 22 2.44 40.61 42.17
N PRO A 23 1.67 39.63 42.68
CA PRO A 23 1.82 39.23 44.08
C PRO A 23 3.12 38.45 44.27
N PRO A 24 3.78 38.60 45.44
CA PRO A 24 4.96 37.74 45.77
C PRO A 24 4.76 36.22 45.60
N GLU A 25 3.72 35.61 46.18
CA GLU A 25 3.50 34.15 46.04
C GLU A 25 3.51 33.59 44.62
N ARG A 26 3.33 34.46 43.62
CA ARG A 26 3.47 34.09 42.22
C ARG A 26 4.78 34.63 41.63
N ARG A 27 5.30 35.71 42.20
CA ARG A 27 6.58 36.29 41.78
C ARG A 27 7.78 35.48 42.24
N LYS A 28 7.85 35.16 43.53
CA LYS A 28 9.03 34.49 44.12
C LYS A 28 9.36 33.09 43.55
N PRO A 29 8.35 32.21 43.37
CA PRO A 29 8.64 30.87 42.82
C PRO A 29 9.08 30.90 41.34
N ARG A 30 8.85 32.03 40.67
CA ARG A 30 9.30 32.21 39.30
C ARG A 30 10.70 32.80 39.32
N GLU A 31 10.94 33.74 40.21
CA GLU A 31 12.31 34.21 40.47
C GLU A 31 13.25 33.08 40.98
N GLU A 32 12.75 32.23 41.87
CA GLU A 32 13.53 31.09 42.34
C GLU A 32 13.72 30.08 41.21
N GLY A 33 12.68 29.96 40.38
CA GLY A 33 12.69 29.05 39.26
C GLY A 33 13.77 29.45 38.28
N LEU A 34 13.77 30.72 37.93
CA LEU A 34 14.78 31.29 37.04
C LEU A 34 16.19 31.18 37.62
N ARG A 35 16.37 31.51 38.89
CA ARG A 35 17.69 31.38 39.53
C ARG A 35 18.20 29.94 39.51
N HIS A 36 17.38 28.98 39.94
CA HIS A 36 17.75 27.57 39.99
C HIS A 36 18.28 27.07 38.65
N CYS A 37 17.60 27.44 37.56
CA CYS A 37 17.95 26.96 36.22
C CYS A 37 19.18 27.66 35.66
N LEU A 38 19.33 28.96 35.90
CA LEU A 38 20.59 29.68 35.57
C LEU A 38 21.79 28.92 36.12
N GLN A 39 21.72 28.52 37.40
CA GLN A 39 22.83 27.86 38.10
C GLN A 39 23.07 26.48 37.47
N ILE A 40 21.98 25.81 37.06
CA ILE A 40 22.08 24.47 36.45
C ILE A 40 22.82 24.55 35.11
N GLY A 41 22.46 25.56 34.30
CA GLY A 41 23.09 25.76 33.00
C GLY A 41 24.52 26.28 33.06
N VAL A 42 24.77 27.18 34.03
CA VAL A 42 26.10 27.75 34.27
C VAL A 42 27.03 26.62 34.71
N GLU A 43 26.64 25.87 35.73
CA GLU A 43 27.42 24.69 36.15
C GLU A 43 27.66 23.74 34.95
N ALA A 44 26.75 23.64 34.00
CA ALA A 44 26.99 22.76 32.85
C ALA A 44 28.07 23.31 31.95
N LEU A 45 28.03 24.61 31.66
CA LEU A 45 29.04 25.29 30.82
C LEU A 45 30.42 25.32 31.45
N LYS A 46 30.49 25.60 32.75
CA LYS A 46 31.74 25.49 33.52
C LYS A 46 32.38 24.12 33.35
N ALA A 47 31.58 23.05 33.46
CA ALA A 47 32.04 21.69 33.16
C ALA A 47 32.11 21.40 31.65
N GLN A 48 31.79 22.40 30.84
CA GLN A 48 32.06 22.36 29.40
C GLN A 48 31.29 21.23 28.72
N LYS A 49 30.05 21.02 29.16
CA LYS A 49 29.10 20.21 28.42
C LYS A 49 28.75 20.89 27.06
N PRO A 50 28.40 20.10 26.04
CA PRO A 50 28.10 20.74 24.79
C PRO A 50 26.87 21.62 24.98
N PRO A 51 26.89 22.84 24.40
CA PRO A 51 25.74 23.78 24.32
C PRO A 51 24.37 23.12 24.08
N LEU A 52 24.29 22.27 23.08
CA LEU A 52 23.10 21.51 22.78
C LEU A 52 22.65 20.73 24.01
N ASP A 53 23.56 19.95 24.60
CA ASP A 53 23.25 19.22 25.84
C ASP A 53 22.78 20.20 26.91
N VAL A 54 23.40 21.37 26.99
CA VAL A 54 23.14 22.34 28.02
C VAL A 54 21.79 22.97 27.88
N VAL A 55 21.37 23.30 26.67
CA VAL A 55 20.05 23.89 26.51
C VAL A 55 18.89 22.89 26.73
N GLU A 56 19.07 21.65 26.34
CA GLU A 56 18.10 20.59 26.71
C GLU A 56 17.99 20.48 28.25
N LEU A 57 19.15 20.49 28.91
CA LEU A 57 19.16 20.27 30.34
C LEU A 57 18.46 21.42 31.09
N VAL A 58 18.75 22.63 30.66
CA VAL A 58 18.17 23.79 31.28
C VAL A 58 16.69 23.85 30.95
N VAL A 59 16.34 23.74 29.67
CA VAL A 59 14.91 23.67 29.30
C VAL A 59 14.19 22.52 30.03
N ARG A 60 14.80 21.34 30.15
CA ARG A 60 14.19 20.29 30.94
C ARG A 60 13.78 20.81 32.32
N GLU A 61 14.70 21.50 33.02
CA GLU A 61 14.41 21.97 34.38
C GLU A 61 13.36 23.09 34.43
N LEU A 62 13.44 24.03 33.49
CA LEU A 62 12.43 25.06 33.32
C LEU A 62 11.05 24.44 33.09
N GLU A 63 11.00 23.30 32.40
CA GLU A 63 9.76 22.53 32.28
C GLU A 63 9.26 22.01 33.63
N ASN A 64 10.15 21.36 34.37
CA ASN A 64 9.82 20.79 35.69
C ASN A 64 9.33 21.83 36.75
N ILE A 65 9.50 23.12 36.49
CA ILE A 65 8.94 24.15 37.33
C ILE A 65 7.46 24.42 36.97
N GLU A 66 6.56 23.98 37.86
CA GLU A 66 5.12 24.10 37.64
C GLU A 66 4.60 25.54 37.39
N HIS A 67 5.40 26.56 37.69
CA HIS A 67 4.97 27.94 37.53
C HIS A 67 5.23 28.48 36.13
N PHE A 68 5.93 27.74 35.26
CA PHE A 68 6.04 28.16 33.85
C PHE A 68 5.25 27.31 32.84
N ASN A 69 4.76 27.99 31.79
CA ASN A 69 3.91 27.40 30.76
C ASN A 69 4.68 26.49 29.77
N ALA A 70 4.94 25.26 30.22
CA ALA A 70 5.74 24.27 29.48
C ALA A 70 5.87 23.06 30.38
N GLY A 71 5.99 21.86 29.82
CA GLY A 71 5.98 20.68 30.70
C GLY A 71 4.90 20.74 31.76
N ILE A 72 5.23 20.33 32.99
CA ILE A 72 4.24 20.40 34.06
C ILE A 72 3.97 21.87 34.32
N GLY A 73 2.68 22.24 34.35
CA GLY A 73 2.26 23.65 34.37
C GLY A 73 1.95 24.29 33.02
N SER A 74 1.91 23.46 31.97
CA SER A 74 1.48 23.90 30.63
C SER A 74 0.07 24.43 30.62
N VAL A 75 -0.21 25.43 29.79
CA VAL A 75 -1.58 25.97 29.68
C VAL A 75 -2.55 24.99 29.02
N LEU A 76 -3.84 25.30 29.06
CA LEU A 76 -4.86 24.36 28.62
C LEU A 76 -5.59 24.80 27.35
N THR A 77 -6.04 23.80 26.59
CA THR A 77 -6.82 24.01 25.37
C THR A 77 -8.22 24.43 25.73
N ASN A 78 -8.99 24.78 24.71
CA ASN A 78 -10.40 24.94 24.92
C ASN A 78 -11.09 23.68 25.49
N SER A 79 -10.54 22.47 25.34
CA SER A 79 -11.12 21.26 25.99
C SER A 79 -10.56 20.96 27.38
N GLY A 80 -9.71 21.85 27.89
CA GLY A 80 -9.13 21.65 29.22
C GLY A 80 -8.05 20.60 29.19
N THR A 81 -7.41 20.42 28.04
CA THR A 81 -6.36 19.43 27.87
C THR A 81 -4.97 20.08 27.68
N VAL A 82 -3.95 19.25 27.78
CA VAL A 82 -2.56 19.70 27.70
C VAL A 82 -2.05 19.31 26.31
N GLU A 83 -1.55 20.26 25.55
CA GLU A 83 -0.94 19.93 24.28
C GLU A 83 0.37 20.68 24.14
N MET A 84 1.48 19.97 24.36
CA MET A 84 2.81 20.58 24.54
C MET A 84 3.66 20.51 23.30
N GLU A 85 4.54 21.48 23.11
CA GLU A 85 5.41 21.49 21.93
C GLU A 85 6.80 22.06 22.23
N ALA A 86 7.82 21.55 21.56
CA ALA A 86 9.19 22.02 21.81
C ALA A 86 9.97 21.93 20.57
N SER A 87 11.13 22.60 20.58
CA SER A 87 12.11 22.50 19.50
C SER A 87 13.53 22.81 20.03
N ILE A 88 14.50 22.18 19.36
CA ILE A 88 15.89 22.25 19.78
C ILE A 88 16.71 22.28 18.51
N MET A 89 17.82 23.01 18.54
CA MET A 89 18.66 23.24 17.34
C MET A 89 20.11 23.49 17.69
N ASP A 90 21.02 22.81 16.96
CA ASP A 90 22.45 22.95 17.12
C ASP A 90 23.03 23.79 15.97
N GLY A 91 23.61 24.93 16.31
CA GLY A 91 24.03 25.88 15.29
C GLY A 91 25.31 25.50 14.61
N ASN A 92 26.13 24.67 15.26
CA ASN A 92 27.34 24.19 14.63
C ASN A 92 27.05 23.10 13.58
N THR A 93 25.97 22.34 13.73
CA THR A 93 25.59 21.31 12.75
C THR A 93 24.38 21.66 11.92
N MET A 94 23.58 22.64 12.35
CA MET A 94 22.25 22.92 11.80
C MET A 94 21.21 21.78 12.08
N LYS A 95 21.53 20.87 13.01
CA LYS A 95 20.57 19.78 13.34
C LYS A 95 19.42 20.37 14.14
N CYS A 96 18.23 19.81 13.95
CA CYS A 96 16.98 20.34 14.45
C CYS A 96 16.12 19.23 14.99
N GLY A 97 15.29 19.55 15.96
CA GLY A 97 14.29 18.62 16.43
C GLY A 97 13.07 19.35 16.93
N ALA A 98 11.90 18.79 16.67
CA ALA A 98 10.70 19.38 17.18
C ALA A 98 9.59 18.35 17.42
N VAL A 99 8.75 18.65 18.40
CA VAL A 99 7.54 17.90 18.70
C VAL A 99 6.34 18.85 18.90
N SER A 100 5.12 18.35 18.67
CA SER A 100 3.91 19.11 18.98
C SER A 100 2.88 18.15 19.43
N GLY A 101 1.82 18.65 20.03
CA GLY A 101 0.68 17.84 20.43
C GLY A 101 0.97 16.72 21.41
N LEU A 102 1.91 16.97 22.34
CA LEU A 102 2.21 16.01 23.42
C LEU A 102 1.31 16.25 24.62
N SER A 103 0.96 15.18 25.31
CA SER A 103 0.04 15.26 26.46
C SER A 103 0.49 14.50 27.70
N THR A 104 1.29 13.47 27.53
CA THR A 104 1.66 12.61 28.64
C THR A 104 3.17 12.61 28.86
N VAL A 105 3.88 13.41 28.09
CA VAL A 105 5.35 13.39 28.06
C VAL A 105 5.99 14.44 28.97
N LEU A 106 6.73 13.99 29.99
CA LEU A 106 7.24 14.87 31.05
C LEU A 106 8.18 15.97 30.54
N ASN A 107 9.10 15.63 29.63
CA ASN A 107 10.08 16.59 29.11
C ASN A 107 10.08 16.61 27.59
N PRO A 108 9.12 17.32 27.01
CA PRO A 108 8.99 17.42 25.56
C PRO A 108 10.29 17.78 24.81
N ILE A 109 11.07 18.70 25.37
CA ILE A 109 12.32 19.09 24.74
C ILE A 109 13.24 17.87 24.56
N SER A 110 13.32 17.02 25.57
CA SER A 110 14.11 15.81 25.42
C SER A 110 13.56 14.89 24.28
N LEU A 111 12.26 14.87 24.07
CA LEU A 111 11.73 14.12 22.96
C LEU A 111 12.09 14.83 21.64
N ALA A 112 12.14 16.14 21.63
CA ALA A 112 12.54 16.85 20.40
C ALA A 112 14.00 16.51 20.02
N ARG A 113 14.87 16.39 21.04
CA ARG A 113 16.27 15.96 20.84
C ARG A 113 16.33 14.56 20.22
N LEU A 114 15.53 13.64 20.75
CA LEU A 114 15.49 12.26 20.24
C LEU A 114 15.10 12.10 18.75
N VAL A 115 14.29 13.02 18.23
CA VAL A 115 13.85 12.99 16.83
C VAL A 115 15.00 13.41 15.96
N MET A 116 15.60 14.51 16.40
CA MET A 116 16.88 14.96 15.89
C MET A 116 17.85 13.78 15.81
N ASP A 117 18.06 13.11 16.91
CA ASP A 117 19.17 12.18 17.04
C ASP A 117 18.88 10.77 16.52
N LYS A 118 17.63 10.32 16.65
CA LYS A 118 17.28 8.90 16.40
C LYS A 118 16.40 8.69 15.18
N THR A 119 15.98 9.76 14.53
CA THR A 119 14.95 9.73 13.47
C THR A 119 15.54 10.45 12.24
N PRO A 120 15.10 10.14 10.99
CA PRO A 120 15.56 10.96 9.86
C PRO A 120 14.74 12.25 9.63
N HIS A 121 13.87 12.62 10.56
CA HIS A 121 12.96 13.72 10.41
C HIS A 121 13.35 14.79 11.40
N ILE A 122 12.79 15.98 11.27
CA ILE A 122 12.98 17.04 12.25
C ILE A 122 11.79 17.14 13.22
N TYR A 123 10.60 16.84 12.73
CA TYR A 123 9.38 17.21 13.41
C TYR A 123 8.35 16.09 13.41
N LEU A 124 7.91 15.66 14.58
CA LEU A 124 6.79 14.72 14.73
C LEU A 124 5.75 15.34 15.66
N ALA A 125 4.49 14.91 15.53
CA ALA A 125 3.39 15.62 16.19
C ALA A 125 2.22 14.73 16.60
N PHE A 126 1.54 15.12 17.66
CA PHE A 126 0.31 14.44 18.12
C PHE A 126 0.50 12.90 18.29
N GLN A 127 -0.43 12.10 17.81
CA GLN A 127 -0.38 10.68 18.18
C GLN A 127 0.97 10.04 17.81
N GLY A 128 1.53 10.45 16.67
CA GLY A 128 2.78 9.88 16.20
C GLY A 128 3.99 10.32 17.00
N ALA A 129 3.95 11.53 17.52
CA ALA A 129 5.00 11.96 18.41
C ALA A 129 4.90 11.08 19.67
N GLN A 130 3.67 10.79 20.11
CA GLN A 130 3.48 10.04 21.34
C GLN A 130 3.91 8.57 21.16
N ASP A 131 3.65 8.00 19.99
CA ASP A 131 4.19 6.68 19.62
C ASP A 131 5.72 6.67 19.78
N PHE A 132 6.38 7.66 19.22
CA PHE A 132 7.83 7.71 19.21
C PHE A 132 8.34 7.75 20.63
N ALA A 133 7.72 8.60 21.44
CA ALA A 133 7.99 8.66 22.87
C ALA A 133 7.96 7.28 23.54
N LYS A 134 6.92 6.52 23.22
CA LYS A 134 6.73 5.19 23.79
C LYS A 134 7.80 4.20 23.36
N GLN A 135 8.19 4.23 22.08
CA GLN A 135 9.24 3.33 21.60
C GLN A 135 10.53 3.62 22.34
N GLN A 136 10.75 4.92 22.59
CA GLN A 136 11.99 5.45 23.11
C GLN A 136 12.13 5.26 24.61
N GLY A 137 11.05 4.84 25.24
CA GLY A 137 10.99 4.66 26.69
C GLY A 137 11.17 5.91 27.51
N VAL A 138 10.82 7.09 26.99
CA VAL A 138 10.94 8.30 27.81
C VAL A 138 9.89 8.37 28.91
N GLU A 139 10.12 9.25 29.88
CA GLU A 139 9.21 9.37 30.99
C GLU A 139 7.85 9.93 30.57
N THR A 140 6.83 9.09 30.61
CA THR A 140 5.45 9.56 30.53
C THR A 140 4.83 9.49 31.90
N VAL A 141 4.02 10.48 32.23
CA VAL A 141 3.09 10.49 33.39
C VAL A 141 1.72 10.52 32.74
N ASP A 142 0.63 10.38 33.48
CA ASP A 142 -0.67 10.70 32.86
C ASP A 142 -1.09 12.14 33.17
N SER A 143 -2.01 12.65 32.35
CA SER A 143 -2.11 14.09 32.10
C SER A 143 -2.72 14.93 33.24
N SER A 144 -3.41 14.29 34.19
CA SER A 144 -3.80 14.97 35.41
C SER A 144 -2.57 15.67 35.99
N HIS A 145 -1.51 14.88 36.25
CA HIS A 145 -0.21 15.32 36.79
C HIS A 145 0.41 16.60 36.15
N LEU A 146 0.03 16.93 34.92
CA LEU A 146 0.50 18.17 34.26
C LEU A 146 -0.40 19.41 34.45
N ILE A 147 -1.62 19.17 34.95
CA ILE A 147 -2.61 20.23 35.09
C ILE A 147 -2.58 20.89 36.49
N THR A 148 -2.08 22.13 36.56
CA THR A 148 -2.14 22.93 37.78
C THR A 148 -3.54 23.53 37.89
N ALA A 149 -3.99 23.78 39.12
CA ALA A 149 -5.30 24.40 39.37
C ALA A 149 -5.26 25.89 39.06
N GLU A 150 -4.06 26.44 38.97
CA GLU A 150 -3.87 27.76 38.42
C GLU A 150 -4.33 27.79 36.95
N ASN A 151 -3.91 26.81 36.18
CA ASN A 151 -4.31 26.73 34.76
C ASN A 151 -5.78 26.35 34.50
N VAL A 152 -6.42 25.63 35.42
CA VAL A 152 -7.84 25.28 35.25
C VAL A 152 -8.69 26.54 35.38
N GLU A 153 -8.42 27.28 36.45
CA GLU A 153 -9.11 28.54 36.72
C GLU A 153 -8.77 29.54 35.60
N ARG A 154 -7.50 29.55 35.18
CA ARG A 154 -7.04 30.38 34.06
C ARG A 154 -7.94 30.18 32.83
N LEU A 155 -8.24 28.91 32.53
CA LEU A 155 -9.01 28.53 31.36
C LEU A 155 -10.45 28.93 31.50
N LYS A 156 -11.07 28.61 32.63
CA LYS A 156 -12.46 28.94 32.83
C LYS A 156 -12.66 30.44 32.59
N LEU A 157 -11.76 31.21 33.16
CA LEU A 157 -11.82 32.67 33.11
C LEU A 157 -11.72 33.18 31.67
N ALA A 158 -10.71 32.70 30.95
CA ALA A 158 -10.54 32.98 29.51
C ALA A 158 -11.77 32.56 28.65
N ILE A 159 -12.43 31.44 28.96
CA ILE A 159 -13.62 31.06 28.22
C ILE A 159 -14.76 32.09 28.38
N GLU A 160 -15.16 32.45 29.61
CA GLU A 160 -16.24 33.46 29.77
C GLU A 160 -15.82 34.86 29.35
N ALA A 161 -14.58 35.25 29.67
CA ALA A 161 -13.96 36.45 29.05
C ALA A 161 -13.99 36.40 27.53
N ASN A 162 -14.03 35.19 26.98
CA ASN A 162 -13.66 34.90 25.60
C ASN A 162 -12.30 35.55 25.24
N THR B 1 5.79 29.84 27.81
CA THR B 1 6.93 29.29 27.04
C THR B 1 8.11 29.33 27.96
N VAL B 2 9.09 28.47 27.69
CA VAL B 2 10.36 28.57 28.39
C VAL B 2 11.42 28.40 27.34
N GLY B 3 12.60 28.97 27.57
CA GLY B 3 13.73 28.70 26.71
C GLY B 3 15.12 29.02 27.24
N CYS B 4 16.11 28.42 26.62
CA CYS B 4 17.49 28.68 26.93
C CYS B 4 18.34 28.70 25.67
N VAL B 5 19.25 29.65 25.60
CA VAL B 5 20.25 29.70 24.54
C VAL B 5 21.60 29.73 25.22
N ALA B 6 22.57 29.00 24.67
CA ALA B 6 23.90 28.80 25.26
C ALA B 6 24.95 28.91 24.17
N VAL B 7 26.17 29.25 24.55
CA VAL B 7 27.32 29.25 23.65
C VAL B 7 28.59 29.06 24.47
N ASP B 8 29.50 28.23 23.98
CA ASP B 8 30.78 28.02 24.64
C ASP B 8 31.84 29.06 24.14
N SER B 9 33.07 28.97 24.64
CA SER B 9 34.10 29.94 24.26
C SER B 9 34.56 29.80 22.81
N HIS B 10 34.06 28.80 22.08
CA HIS B 10 34.48 28.57 20.68
C HIS B 10 33.35 28.87 19.74
N GLY B 11 32.25 29.41 20.27
CA GLY B 11 31.19 29.95 19.43
C GLY B 11 30.27 28.88 18.87
N ASN B 12 30.20 27.75 19.56
CA ASN B 12 29.25 26.67 19.23
C ASN B 12 27.94 27.05 19.91
N LEU B 13 26.94 27.41 19.11
CA LEU B 13 25.66 27.97 19.60
C LEU B 13 24.56 26.88 19.69
N ALA B 14 23.53 27.11 20.50
CA ALA B 14 22.36 26.20 20.54
C ALA B 14 21.10 26.90 21.07
N SER B 15 19.93 26.42 20.69
CA SER B 15 18.69 26.94 21.20
C SER B 15 17.70 25.84 21.50
N ALA B 16 16.94 26.06 22.56
CA ALA B 16 15.89 25.13 22.94
C ALA B 16 14.73 25.93 23.51
N THR B 17 13.52 25.65 23.05
CA THR B 17 12.31 26.33 23.49
C THR B 17 11.21 25.27 23.78
N SER B 18 10.34 25.54 24.74
CA SER B 18 9.29 24.59 25.06
C SER B 18 8.13 25.30 25.72
N THR B 19 6.93 24.88 25.37
CA THR B 19 5.71 25.52 25.85
C THR B 19 4.48 24.58 25.91
N GLY B 20 3.46 25.06 26.61
CA GLY B 20 2.10 24.51 26.54
C GLY B 20 1.22 25.30 25.59
N GLY B 21 1.74 26.45 25.13
CA GLY B 21 1.12 27.22 24.03
C GLY B 21 0.31 28.40 24.54
N LEU B 22 -0.93 28.54 24.05
CA LEU B 22 -1.79 29.67 24.38
C LEU B 22 -3.02 29.18 25.12
N VAL B 23 -3.30 29.79 26.26
CA VAL B 23 -4.46 29.43 27.05
C VAL B 23 -5.73 29.49 26.20
N ASN B 24 -6.53 28.43 26.24
CA ASN B 24 -7.78 28.35 25.47
C ASN B 24 -7.61 28.16 23.94
N LYS B 25 -6.40 27.83 23.50
CA LYS B 25 -6.14 27.59 22.09
C LYS B 25 -7.06 26.46 21.62
N MET B 26 -7.51 26.49 20.36
CA MET B 26 -8.26 25.37 19.79
C MET B 26 -7.38 24.12 19.85
N VAL B 27 -8.00 22.96 20.04
CA VAL B 27 -7.25 21.70 20.08
C VAL B 27 -6.59 21.51 18.72
N GLY B 28 -5.32 21.16 18.70
CA GLY B 28 -4.61 20.96 17.45
C GLY B 28 -3.80 22.17 16.99
N ARG B 29 -3.97 23.31 17.67
CA ARG B 29 -3.27 24.56 17.32
C ARG B 29 -1.79 24.49 17.65
N ILE B 30 -0.98 24.69 16.62
CA ILE B 30 0.45 24.82 16.72
C ILE B 30 0.87 26.32 16.69
N GLY B 31 1.79 26.70 17.59
CA GLY B 31 2.41 28.03 17.63
C GLY B 31 3.83 28.11 17.03
N ASP B 32 4.61 29.10 17.48
CA ASP B 32 6.00 29.29 17.01
C ASP B 32 6.99 28.27 17.58
N THR B 33 6.80 27.93 18.84
CA THR B 33 7.83 27.22 19.62
C THR B 33 8.43 25.99 18.89
N PRO B 34 7.61 25.19 18.19
CA PRO B 34 8.22 24.08 17.50
C PRO B 34 8.60 24.39 16.06
N LEU B 35 8.48 25.64 15.62
CA LEU B 35 8.86 25.97 14.24
C LEU B 35 10.26 26.54 14.16
N ILE B 36 11.18 25.74 13.61
CA ILE B 36 12.55 26.19 13.35
C ILE B 36 12.45 27.45 12.51
N GLY B 37 13.12 28.52 12.93
CA GLY B 37 13.01 29.80 12.26
C GLY B 37 12.10 30.80 12.97
N ALA B 38 11.05 30.32 13.65
CA ALA B 38 10.12 31.24 14.38
C ALA B 38 10.48 31.34 15.84
N GLY B 39 10.16 30.28 16.58
CA GLY B 39 10.39 30.25 18.01
C GLY B 39 11.80 29.93 18.45
N THR B 40 12.54 29.22 17.59
CA THR B 40 13.83 28.61 17.89
C THR B 40 14.70 28.66 16.65
N TYR B 41 15.94 29.11 16.81
CA TYR B 41 16.93 29.10 15.74
C TYR B 41 18.34 29.31 16.32
N ALA B 42 19.31 28.74 15.60
CA ALA B 42 20.67 28.70 16.04
C ALA B 42 21.55 28.44 14.83
N ASN B 43 22.68 29.13 14.81
CA ASN B 43 23.53 29.27 13.66
C ASN B 43 24.99 29.12 13.97
N GLU B 44 25.79 29.41 12.95
CA GLU B 44 27.17 29.90 13.08
C GLU B 44 27.16 31.25 13.83
N LEU B 45 26.33 32.21 13.37
CA LEU B 45 26.32 33.56 13.92
C LEU B 45 25.67 33.68 15.30
N CYS B 46 24.47 33.13 15.48
CA CYS B 46 23.78 33.26 16.75
C CYS B 46 22.76 32.16 17.03
N ALA B 47 22.21 32.21 18.25
CA ALA B 47 21.11 31.39 18.71
C ALA B 47 20.01 32.25 19.36
N VAL B 48 18.77 31.86 19.14
CA VAL B 48 17.58 32.63 19.49
C VAL B 48 16.45 31.68 19.92
N SER B 49 15.64 32.18 20.86
CA SER B 49 14.44 31.51 21.35
C SER B 49 13.45 32.62 21.67
N ALA B 50 12.26 32.58 21.07
CA ALA B 50 11.25 33.63 21.25
C ALA B 50 10.09 33.11 22.07
N THR B 51 9.15 34.01 22.35
CA THR B 51 8.06 33.72 23.24
C THR B 51 7.05 34.85 23.21
N GLY B 52 5.78 34.50 23.36
CA GLY B 52 4.68 35.44 23.35
C GLY B 52 3.55 34.94 22.48
N LYS B 53 2.95 35.85 21.73
CA LYS B 53 1.88 35.45 20.85
C LYS B 53 2.42 34.64 19.65
N GLY B 54 2.20 33.31 19.69
CA GLY B 54 2.81 32.39 18.72
C GLY B 54 2.60 32.87 17.31
N GLU B 55 1.38 33.29 17.01
CA GLU B 55 0.97 33.65 15.66
C GLU B 55 1.76 34.85 15.09
N GLU B 56 2.22 35.75 15.98
CA GLU B 56 2.94 36.93 15.55
C GLU B 56 4.39 36.61 15.28
N ILE B 57 4.85 35.51 15.87
CA ILE B 57 6.24 35.08 15.77
C ILE B 57 6.48 34.16 14.54
N ILE B 58 5.52 33.28 14.30
CA ILE B 58 5.42 32.55 13.06
C ILE B 58 5.52 33.54 11.91
N ARG B 59 4.62 34.50 11.92
CA ARG B 59 4.45 35.49 10.84
C ARG B 59 5.68 36.37 10.59
N ALA B 60 6.33 36.76 11.67
CA ALA B 60 7.57 37.55 11.62
C ALA B 60 8.84 36.69 11.62
N THR B 61 8.72 35.36 11.56
CA THR B 61 9.87 34.44 11.59
C THR B 61 11.02 34.99 12.41
N VAL B 62 10.78 35.27 13.69
CA VAL B 62 11.70 36.12 14.44
C VAL B 62 13.07 35.48 14.76
N ALA B 63 13.10 34.19 15.11
CA ALA B 63 14.38 33.52 15.36
C ALA B 63 15.31 33.54 14.13
N ARG B 64 14.75 33.27 12.94
CA ARG B 64 15.56 33.35 11.70
C ARG B 64 16.00 34.77 11.37
N ASP B 65 15.09 35.71 11.54
CA ASP B 65 15.33 37.13 11.20
C ASP B 65 16.52 37.76 11.93
N VAL B 66 16.62 37.48 13.23
CA VAL B 66 17.73 38.00 14.00
C VAL B 66 19.02 37.51 13.36
N ALA B 67 19.09 36.21 13.06
CA ALA B 67 20.29 35.66 12.37
C ALA B 67 20.51 36.28 10.98
N ALA B 68 19.44 36.27 10.19
CA ALA B 68 19.45 36.84 8.85
C ALA B 68 19.88 38.32 8.84
N LEU B 69 19.38 39.11 9.77
CA LEU B 69 19.80 40.50 9.86
C LEU B 69 21.31 40.62 10.11
N MET B 70 21.81 39.76 11.00
CA MET B 70 23.22 39.79 11.34
C MET B 70 24.03 39.47 10.10
N GLU B 71 23.79 38.30 9.50
CA GLU B 71 24.58 37.84 8.36
C GLU B 71 24.45 38.74 7.13
N PHE B 72 23.22 39.03 6.74
CA PHE B 72 22.95 39.67 5.47
C PHE B 72 23.13 41.17 5.51
N LYS B 73 22.79 41.81 6.63
CA LYS B 73 22.93 43.29 6.73
C LYS B 73 24.07 43.77 7.61
N GLY B 74 24.80 42.84 8.23
CA GLY B 74 25.93 43.13 9.11
C GLY B 74 25.60 43.70 10.50
N LEU B 75 24.33 43.65 10.93
CA LEU B 75 23.96 44.25 12.20
C LEU B 75 24.54 43.45 13.34
N SER B 76 24.82 44.09 14.46
CA SER B 76 25.19 43.38 15.68
C SER B 76 24.02 42.55 16.21
N LEU B 77 24.28 41.68 17.19
CA LEU B 77 23.20 41.00 17.91
C LEU B 77 22.17 41.96 18.57
N LYS B 78 22.64 43.05 19.17
CA LYS B 78 21.73 43.98 19.84
C LYS B 78 20.87 44.70 18.80
N GLU B 79 21.50 45.23 17.74
CA GLU B 79 20.74 45.98 16.71
C GLU B 79 19.66 45.07 16.07
N ALA B 80 20.07 43.90 15.59
CA ALA B 80 19.18 42.95 14.95
C ALA B 80 18.03 42.51 15.86
N ALA B 81 18.36 42.10 17.07
CA ALA B 81 17.31 41.62 17.97
C ALA B 81 16.31 42.74 18.28
N ASP B 82 16.83 43.96 18.48
CA ASP B 82 16.01 45.17 18.72
C ASP B 82 15.10 45.55 17.52
N PHE B 83 15.63 45.45 16.31
CA PHE B 83 14.86 45.72 15.11
C PHE B 83 13.63 44.78 15.04
N VAL B 84 13.86 43.49 15.18
CA VAL B 84 12.77 42.51 15.10
C VAL B 84 11.69 42.78 16.17
N ILE B 85 12.12 42.97 17.41
CA ILE B 85 11.22 43.20 18.54
C ILE B 85 10.58 44.59 18.54
N HIS B 86 11.37 45.64 18.30
CA HIS B 86 10.82 47.00 18.41
C HIS B 86 10.46 47.69 17.09
N GLU B 87 10.53 46.95 15.97
CA GLU B 87 10.16 47.46 14.61
C GLU B 87 9.21 46.54 13.83
N ARG B 88 9.54 45.26 13.70
CA ARG B 88 8.84 44.39 12.74
C ARG B 88 7.90 43.46 13.44
N THR B 89 7.45 43.84 14.63
CA THR B 89 6.54 43.00 15.40
C THR B 89 5.69 43.92 16.29
N PRO B 90 4.42 43.55 16.54
CA PRO B 90 3.56 44.48 17.31
C PRO B 90 3.83 44.50 18.81
N LYS B 91 3.79 45.69 19.40
CA LYS B 91 3.88 45.88 20.85
C LYS B 91 3.01 44.89 21.60
N GLY B 92 3.54 44.28 22.64
CA GLY B 92 2.71 43.44 23.50
C GLY B 92 2.53 42.03 23.02
N THR B 93 3.26 41.65 21.96
CA THR B 93 3.15 40.32 21.35
C THR B 93 4.40 39.43 21.54
N VAL B 94 5.60 40.01 21.70
CA VAL B 94 6.80 39.15 21.65
C VAL B 94 8.05 39.61 22.40
N GLY B 95 8.67 38.62 23.06
CA GLY B 95 9.99 38.74 23.64
C GLY B 95 10.88 37.61 23.18
N LEU B 96 12.18 37.86 23.21
CA LEU B 96 13.15 36.88 22.79
C LEU B 96 14.38 37.00 23.65
N ILE B 97 15.15 35.92 23.66
CA ILE B 97 16.49 35.91 24.20
C ILE B 97 17.46 35.43 23.11
N ALA B 98 18.67 35.98 23.11
CA ALA B 98 19.71 35.51 22.20
C ALA B 98 21.14 35.63 22.77
N VAL B 99 22.02 34.78 22.24
CA VAL B 99 23.47 34.91 22.41
C VAL B 99 24.15 34.94 21.01
N SER B 100 25.32 35.57 20.92
CA SER B 100 26.09 35.61 19.68
C SER B 100 27.23 34.59 19.73
N ALA B 101 27.78 34.25 18.57
CA ALA B 101 29.06 33.50 18.55
C ALA B 101 30.14 34.08 19.49
N ALA B 102 30.25 35.41 19.64
CA ALA B 102 31.33 36.04 20.47
C ALA B 102 31.02 36.12 21.98
N GLY B 103 29.80 35.76 22.37
CA GLY B 103 29.40 35.75 23.78
C GLY B 103 28.36 36.79 24.14
N GLU B 104 27.92 37.59 23.15
CA GLU B 104 26.98 38.68 23.39
C GLU B 104 25.62 38.14 23.71
N ILE B 105 24.95 38.83 24.62
CA ILE B 105 23.62 38.49 25.10
C ILE B 105 22.67 39.63 24.77
N ALA B 106 21.54 39.34 24.15
CA ALA B 106 20.48 40.33 23.99
C ALA B 106 19.16 39.71 24.43
N MET B 107 18.34 40.50 25.13
CA MET B 107 17.04 40.03 25.61
C MET B 107 15.89 41.07 25.43
N PRO B 108 15.72 41.61 24.22
CA PRO B 108 14.63 42.53 24.10
C PRO B 108 13.25 41.87 24.19
N PHE B 109 12.27 42.68 24.55
CA PHE B 109 10.90 42.28 24.51
C PHE B 109 10.05 43.51 24.43
N ASN B 110 8.90 43.39 23.80
CA ASN B 110 7.93 44.50 23.69
C ASN B 110 6.65 44.21 24.50
N THR B 111 6.72 43.24 25.40
CA THR B 111 5.65 42.95 26.36
C THR B 111 5.88 43.75 27.66
N THR B 112 4.97 43.65 28.64
CA THR B 112 5.16 44.35 29.92
C THR B 112 6.37 43.78 30.66
N GLY B 113 6.59 42.48 30.49
CA GLY B 113 7.76 41.81 31.04
C GLY B 113 8.16 40.53 30.32
N MET B 114 9.21 39.90 30.84
CA MET B 114 9.69 38.58 30.37
C MET B 114 10.57 37.97 31.48
N PHE B 115 10.11 36.90 32.09
CA PHE B 115 10.91 36.19 33.08
C PHE B 115 12.21 35.74 32.40
N ARG B 116 13.35 36.21 32.91
CA ARG B 116 14.63 36.01 32.24
C ARG B 116 15.86 35.99 33.16
N ALA B 117 16.94 35.44 32.62
CA ALA B 117 18.18 35.30 33.39
C ALA B 117 19.29 35.04 32.41
N CYS B 118 20.50 35.47 32.75
CA CYS B 118 21.63 35.29 31.86
C CYS B 118 22.91 35.36 32.65
N ALA B 119 23.98 34.82 32.09
CA ALA B 119 25.30 34.85 32.74
C ALA B 119 26.45 34.58 31.78
N THR B 120 27.64 34.97 32.17
CA THR B 120 28.81 34.78 31.34
C THR B 120 29.99 34.29 32.18
N GLU B 121 30.95 33.64 31.51
CA GLU B 121 32.13 33.14 32.19
C GLU B 121 32.82 34.28 32.87
N ASP B 122 32.78 35.45 32.22
CA ASP B 122 33.40 36.65 32.75
C ASP B 122 32.72 37.23 34.00
N GLY B 123 31.58 36.71 34.42
CA GLY B 123 31.07 37.00 35.77
C GLY B 123 29.70 37.64 35.86
N TYR B 124 29.26 38.29 34.78
CA TYR B 124 27.93 38.91 34.71
C TYR B 124 26.83 37.92 34.97
N SER B 125 25.81 38.33 35.72
CA SER B 125 24.53 37.60 35.74
C SER B 125 23.44 38.54 36.24
N GLU B 126 22.30 38.59 35.56
CA GLU B 126 21.12 39.26 36.08
C GLU B 126 20.05 38.20 36.07
N ILE B 127 19.09 38.31 36.97
CA ILE B 127 17.77 37.77 36.69
C ILE B 127 16.79 38.96 36.66
N ALA B 128 15.76 38.86 35.83
CA ALA B 128 14.79 39.98 35.71
C ALA B 128 13.36 39.58 35.32
N ILE B 129 12.46 40.56 35.35
CA ILE B 129 11.06 40.41 34.93
C ILE B 129 10.59 41.56 34.04
N TRP B 130 10.78 42.78 34.53
CA TRP B 130 10.37 43.98 33.80
C TRP B 130 11.62 44.63 33.18
N PRO B 131 11.44 45.66 32.31
CA PRO B 131 12.62 46.22 31.64
C PRO B 131 13.58 46.82 32.66
N THR B 132 14.88 46.81 32.39
CA THR B 132 15.86 47.38 33.34
C THR B 132 15.68 48.93 33.40
N THR B 133 16.08 49.60 34.48
CA THR B 133 15.75 51.03 34.60
C THR B 133 16.69 51.92 35.45
N GLY C 5 3.51 44.45 -18.27
CA GLY C 5 2.42 45.35 -17.75
C GLY C 5 1.98 44.99 -16.33
N GLY C 6 1.81 43.69 -16.06
CA GLY C 6 1.21 43.31 -14.80
C GLY C 6 1.55 41.96 -14.20
N TRP C 7 0.64 41.00 -14.34
CA TRP C 7 0.72 39.81 -13.51
C TRP C 7 1.73 38.83 -14.08
N SER C 8 2.32 38.06 -13.17
CA SER C 8 3.05 36.84 -13.49
C SER C 8 2.49 35.73 -12.60
N ILE C 9 2.72 34.48 -13.00
CA ILE C 9 2.33 33.35 -12.16
C ILE C 9 3.29 32.19 -12.40
N ALA C 10 3.51 31.41 -11.35
CA ALA C 10 4.29 30.20 -11.50
C ALA C 10 3.64 29.15 -10.68
N LEU C 11 3.95 27.91 -10.99
CA LEU C 11 3.36 26.80 -10.23
C LEU C 11 4.30 25.63 -10.33
N HIS C 12 4.18 24.67 -9.44
CA HIS C 12 4.96 23.43 -9.55
C HIS C 12 4.16 22.19 -9.09
N GLY C 13 4.72 21.03 -9.45
CA GLY C 13 4.14 19.71 -9.21
C GLY C 13 5.17 18.77 -8.60
N GLY C 14 6.17 19.39 -7.97
CA GLY C 14 7.16 18.66 -7.22
C GLY C 14 8.56 18.70 -7.81
N ALA C 15 9.53 18.80 -6.91
CA ALA C 15 10.92 18.71 -7.27
C ALA C 15 11.48 17.41 -6.73
N GLY C 16 12.27 16.72 -7.57
CA GLY C 16 12.98 15.50 -7.16
C GLY C 16 13.81 14.84 -8.26
N ASP C 17 14.12 13.56 -8.04
CA ASP C 17 14.91 12.78 -8.95
C ASP C 17 13.99 12.12 -9.99
N ILE C 18 13.85 12.80 -11.13
CA ILE C 18 12.93 12.43 -12.20
C ILE C 18 13.78 11.96 -13.39
N PRO C 19 13.73 10.66 -13.73
CA PRO C 19 14.62 10.29 -14.83
C PRO C 19 14.20 10.90 -16.17
N PHE C 20 15.16 11.23 -16.99
CA PHE C 20 14.93 11.51 -18.41
C PHE C 20 14.07 10.43 -19.10
N SER C 21 14.20 9.18 -18.65
CA SER C 21 13.40 8.08 -19.14
C SER C 21 12.07 7.88 -18.40
N LEU C 22 11.50 8.93 -17.82
CA LEU C 22 10.13 8.85 -17.30
C LEU C 22 9.20 8.34 -18.42
N PRO C 23 8.57 7.14 -18.22
CA PRO C 23 7.68 6.56 -19.24
C PRO C 23 6.53 7.48 -19.64
N PRO C 24 6.00 7.33 -20.87
CA PRO C 24 4.84 8.10 -21.32
C PRO C 24 3.68 8.18 -20.33
N GLU C 25 3.29 7.04 -19.75
CA GLU C 25 2.20 6.92 -18.71
C GLU C 25 2.40 7.75 -17.47
N ARG C 26 3.66 7.93 -17.13
CA ARG C 26 4.03 8.71 -16.00
C ARG C 26 4.24 10.16 -16.43
N ARG C 27 4.72 10.39 -17.65
CA ARG C 27 5.10 11.77 -18.06
C ARG C 27 3.96 12.63 -18.64
N LYS C 28 3.17 12.09 -19.56
CA LYS C 28 2.08 12.84 -20.21
C LYS C 28 1.06 13.44 -19.24
N PRO C 29 0.50 12.65 -18.30
CA PRO C 29 -0.44 13.20 -17.29
C PRO C 29 0.13 14.32 -16.41
N ARG C 30 1.43 14.30 -16.14
CA ARG C 30 2.04 15.37 -15.34
C ARG C 30 2.21 16.62 -16.20
N GLU C 31 2.69 16.42 -17.42
CA GLU C 31 2.76 17.50 -18.39
C GLU C 31 1.36 18.11 -18.66
N GLU C 32 0.36 17.26 -18.87
CA GLU C 32 -1.04 17.73 -19.01
C GLU C 32 -1.53 18.49 -17.76
N GLY C 33 -1.25 17.93 -16.59
CA GLY C 33 -1.57 18.57 -15.32
C GLY C 33 -1.08 19.99 -15.30
N LEU C 34 0.22 20.19 -15.56
CA LEU C 34 0.87 21.52 -15.54
C LEU C 34 0.10 22.49 -16.44
N ARG C 35 -0.26 22.04 -17.63
CA ARG C 35 -1.00 22.89 -18.60
C ARG C 35 -2.39 23.23 -18.10
N HIS C 36 -3.14 22.23 -17.69
CA HIS C 36 -4.49 22.45 -17.25
C HIS C 36 -4.54 23.54 -16.17
N CYS C 37 -3.64 23.41 -15.20
CA CYS C 37 -3.64 24.26 -14.03
C CYS C 37 -3.10 25.66 -14.39
N LEU C 38 -2.16 25.72 -15.33
CA LEU C 38 -1.63 27.00 -15.75
C LEU C 38 -2.67 27.79 -16.55
N GLN C 39 -3.40 27.12 -17.42
CA GLN C 39 -4.49 27.78 -18.08
C GLN C 39 -5.45 28.45 -17.05
N ILE C 40 -5.81 27.71 -16.00
CA ILE C 40 -6.72 28.22 -14.97
C ILE C 40 -6.16 29.40 -14.19
N GLY C 41 -4.88 29.32 -13.83
CA GLY C 41 -4.25 30.43 -13.12
C GLY C 41 -4.24 31.70 -13.97
N VAL C 42 -3.87 31.54 -15.24
CA VAL C 42 -3.77 32.64 -16.18
C VAL C 42 -5.15 33.25 -16.38
N GLU C 43 -6.15 32.43 -16.65
CA GLU C 43 -7.53 32.95 -16.80
C GLU C 43 -8.00 33.72 -15.54
N ALA C 44 -7.62 33.26 -14.35
CA ALA C 44 -8.11 33.88 -13.12
C ALA C 44 -7.45 35.23 -12.95
N LEU C 45 -6.15 35.28 -13.20
CA LEU C 45 -5.45 36.57 -13.19
C LEU C 45 -5.98 37.48 -14.30
N LYS C 46 -6.27 36.91 -15.47
CA LYS C 46 -6.79 37.71 -16.58
C LYS C 46 -8.09 38.33 -16.08
N ALA C 47 -8.91 37.52 -15.43
CA ALA C 47 -10.15 38.06 -14.82
C ALA C 47 -9.88 38.83 -13.49
N GLN C 48 -8.60 39.06 -13.17
CA GLN C 48 -8.18 39.92 -12.06
C GLN C 48 -8.66 39.50 -10.67
N LYS C 49 -8.81 38.20 -10.48
CA LYS C 49 -9.05 37.68 -9.14
C LYS C 49 -7.83 38.02 -8.29
N PRO C 50 -8.02 38.31 -6.99
CA PRO C 50 -6.85 38.59 -6.15
C PRO C 50 -5.87 37.42 -6.15
N PRO C 51 -4.58 37.69 -6.33
CA PRO C 51 -3.55 36.67 -6.25
C PRO C 51 -3.71 35.61 -5.14
N LEU C 52 -4.09 35.99 -3.93
CA LEU C 52 -4.36 34.99 -2.91
C LEU C 52 -5.48 34.01 -3.28
N ASP C 53 -6.56 34.51 -3.85
CA ASP C 53 -7.61 33.65 -4.41
C ASP C 53 -7.07 32.76 -5.54
N VAL C 54 -6.21 33.33 -6.41
CA VAL C 54 -5.61 32.57 -7.51
C VAL C 54 -4.72 31.40 -7.08
N VAL C 55 -3.87 31.61 -6.11
CA VAL C 55 -3.00 30.51 -5.68
C VAL C 55 -3.78 29.36 -5.03
N GLU C 56 -4.87 29.69 -4.31
CA GLU C 56 -5.74 28.67 -3.69
C GLU C 56 -6.47 27.95 -4.81
N LEU C 57 -6.81 28.66 -5.86
CA LEU C 57 -7.55 28.06 -6.96
C LEU C 57 -6.66 27.06 -7.73
N VAL C 58 -5.42 27.44 -7.94
CA VAL C 58 -4.50 26.66 -8.75
C VAL C 58 -4.04 25.44 -7.95
N VAL C 59 -3.80 25.62 -6.66
CA VAL C 59 -3.38 24.50 -5.83
C VAL C 59 -4.50 23.47 -5.62
N ARG C 60 -5.75 23.92 -5.49
CA ARG C 60 -6.89 22.99 -5.49
C ARG C 60 -6.86 22.12 -6.76
N GLU C 61 -6.45 22.71 -7.90
CA GLU C 61 -6.41 21.96 -9.13
C GLU C 61 -5.19 21.03 -9.16
N LEU C 62 -4.07 21.50 -8.62
CA LEU C 62 -2.87 20.69 -8.54
C LEU C 62 -3.14 19.51 -7.59
N GLU C 63 -3.80 19.80 -6.48
CA GLU C 63 -4.23 18.79 -5.52
C GLU C 63 -5.08 17.76 -6.23
N ASN C 64 -5.92 18.19 -7.17
CA ASN C 64 -6.82 17.27 -7.91
C ASN C 64 -6.17 16.47 -9.08
N ILE C 65 -4.92 16.78 -9.42
CA ILE C 65 -4.17 15.94 -10.35
C ILE C 65 -3.71 14.70 -9.60
N GLU C 66 -4.22 13.53 -9.98
CA GLU C 66 -3.85 12.29 -9.26
C GLU C 66 -2.34 11.98 -9.33
N HIS C 67 -1.64 12.59 -10.28
CA HIS C 67 -0.23 12.28 -10.52
C HIS C 67 0.73 13.20 -9.79
N PHE C 68 0.19 14.06 -8.92
CA PHE C 68 0.96 14.98 -8.09
C PHE C 68 0.66 14.71 -6.60
N ASN C 69 1.71 14.76 -5.80
CA ASN C 69 1.71 14.29 -4.44
C ASN C 69 1.21 15.40 -3.53
N ALA C 70 -0.11 15.56 -3.59
CA ALA C 70 -0.87 16.46 -2.73
C ALA C 70 -2.33 16.04 -2.91
N GLY C 71 -3.16 16.16 -1.88
CA GLY C 71 -4.56 15.82 -2.04
C GLY C 71 -4.63 14.42 -2.61
N ILE C 72 -5.58 14.20 -3.52
CA ILE C 72 -5.62 12.92 -4.23
C ILE C 72 -4.30 12.62 -4.96
N GLY C 73 -3.65 11.54 -4.55
CA GLY C 73 -2.33 11.20 -5.06
C GLY C 73 -1.24 11.54 -4.07
N SER C 74 -1.59 11.73 -2.79
CA SER C 74 -0.61 11.96 -1.75
C SER C 74 0.17 10.67 -1.48
N VAL C 75 1.48 10.80 -1.31
CA VAL C 75 2.33 9.65 -0.97
C VAL C 75 1.90 9.05 0.37
N LEU C 76 2.41 7.89 0.74
CA LEU C 76 1.91 7.19 1.92
C LEU C 76 2.93 7.16 3.09
N THR C 77 2.41 7.20 4.32
CA THR C 77 3.25 6.95 5.51
C THR C 77 3.76 5.53 5.58
N ASN C 78 4.70 5.32 6.48
CA ASN C 78 5.14 3.98 6.84
C ASN C 78 3.99 3.05 7.21
N SER C 79 2.89 3.57 7.72
CA SER C 79 1.71 2.73 8.05
C SER C 79 0.76 2.51 6.85
N GLY C 80 1.11 3.05 5.70
CA GLY C 80 0.27 2.93 4.53
C GLY C 80 -0.95 3.85 4.56
N THR C 81 -0.90 4.87 5.43
CA THR C 81 -1.99 5.86 5.57
C THR C 81 -1.62 7.18 4.90
N VAL C 82 -2.62 8.09 4.84
CA VAL C 82 -2.46 9.43 4.28
C VAL C 82 -2.46 10.56 5.34
N GLU C 83 -1.47 11.45 5.24
CA GLU C 83 -1.34 12.61 6.09
C GLU C 83 -0.88 13.81 5.24
N MET C 84 -1.83 14.67 4.92
CA MET C 84 -1.58 15.81 4.06
C MET C 84 -1.39 17.12 4.85
N GLU C 85 -0.56 17.99 4.33
CA GLU C 85 -0.31 19.28 4.95
C GLU C 85 -0.26 20.33 3.84
N ALA C 86 -0.49 21.55 4.25
CA ALA C 86 -0.63 22.66 3.33
C ALA C 86 -0.49 23.94 4.12
N SER C 87 -0.01 24.96 3.43
CA SER C 87 0.06 26.30 3.95
C SER C 87 -0.20 27.30 2.81
N ILE C 88 -0.66 28.49 3.19
CA ILE C 88 -0.94 29.58 2.24
C ILE C 88 -0.54 30.91 2.88
N MET C 89 -0.06 31.87 2.09
CA MET C 89 0.33 33.19 2.66
C MET C 89 0.06 34.39 1.75
N ASP C 90 -0.70 35.34 2.29
CA ASP C 90 -0.98 36.62 1.67
C ASP C 90 0.17 37.60 1.92
N GLY C 91 0.92 37.96 0.90
CA GLY C 91 2.09 38.80 1.10
C GLY C 91 1.83 40.27 1.40
N ASN C 92 0.59 40.70 1.17
CA ASN C 92 0.13 42.08 1.32
C ASN C 92 -0.23 42.38 2.81
N THR C 93 -0.71 41.36 3.51
CA THR C 93 -1.15 41.51 4.90
C THR C 93 -0.33 40.68 5.89
N MET C 94 0.55 39.80 5.39
CA MET C 94 1.26 38.81 6.17
C MET C 94 0.33 37.76 6.77
N LYS C 95 -0.94 37.75 6.39
CA LYS C 95 -1.83 36.73 6.93
C LYS C 95 -1.39 35.37 6.36
N CYS C 96 -1.54 34.33 7.16
CA CYS C 96 -1.30 32.98 6.68
C CYS C 96 -2.09 31.93 7.37
N GLY C 97 -2.12 30.78 6.74
CA GLY C 97 -2.93 29.66 7.22
C GLY C 97 -2.22 28.38 6.85
N ALA C 98 -2.31 27.41 7.77
CA ALA C 98 -1.63 26.14 7.57
C ALA C 98 -2.37 24.99 8.23
N VAL C 99 -2.13 23.78 7.72
CA VAL C 99 -2.77 22.58 8.23
C VAL C 99 -1.81 21.41 8.09
N SER C 100 -2.05 20.37 8.88
CA SER C 100 -1.24 19.15 8.86
C SER C 100 -2.08 17.98 9.32
N GLY C 101 -1.68 16.80 8.90
CA GLY C 101 -2.29 15.59 9.41
C GLY C 101 -3.69 15.33 8.93
N LEU C 102 -4.02 15.84 7.74
CA LEU C 102 -5.32 15.55 7.13
C LEU C 102 -5.30 14.19 6.48
N SER C 103 -6.35 13.42 6.72
CA SER C 103 -6.56 12.16 6.02
C SER C 103 -7.79 12.09 5.13
N THR C 104 -8.79 12.95 5.30
CA THR C 104 -10.00 12.88 4.47
C THR C 104 -10.38 14.18 3.76
N VAL C 105 -9.62 15.24 4.01
CA VAL C 105 -9.98 16.51 3.46
C VAL C 105 -9.57 16.47 2.00
N LEU C 106 -10.50 16.73 1.10
CA LEU C 106 -10.23 16.61 -0.31
C LEU C 106 -9.26 17.69 -0.78
N ASN C 107 -9.45 18.92 -0.30
CA ASN C 107 -8.57 20.02 -0.72
C ASN C 107 -7.96 20.74 0.47
N PRO C 108 -6.87 20.18 1.02
CA PRO C 108 -6.18 20.76 2.14
C PRO C 108 -5.89 22.27 2.03
N ILE C 109 -5.40 22.72 0.87
CA ILE C 109 -5.05 24.14 0.75
C ILE C 109 -6.25 25.00 1.19
N SER C 110 -7.46 24.54 0.90
CA SER C 110 -8.64 25.34 1.21
C SER C 110 -8.99 25.37 2.68
N LEU C 111 -8.46 24.40 3.43
CA LEU C 111 -8.63 24.42 4.88
C LEU C 111 -7.60 25.37 5.46
N ALA C 112 -6.40 25.39 4.86
CA ALA C 112 -5.38 26.33 5.30
C ALA C 112 -5.92 27.73 5.23
N ARG C 113 -6.55 28.08 4.10
CA ARG C 113 -7.19 29.37 3.93
C ARG C 113 -8.23 29.56 5.07
N LEU C 114 -9.12 28.58 5.24
CA LEU C 114 -10.19 28.74 6.18
C LEU C 114 -9.67 29.05 7.59
N VAL C 115 -8.63 28.34 8.01
CA VAL C 115 -7.90 28.62 9.27
C VAL C 115 -7.35 30.06 9.34
N MET C 116 -6.80 30.52 8.23
CA MET C 116 -6.29 31.88 8.16
C MET C 116 -7.40 32.87 8.52
N ASP C 117 -8.57 32.73 7.90
CA ASP C 117 -9.55 33.81 7.90
C ASP C 117 -10.57 33.68 8.97
N LYS C 118 -10.65 32.49 9.56
CA LYS C 118 -11.79 32.15 10.42
C LYS C 118 -11.38 31.59 11.74
N THR C 119 -10.19 31.95 12.19
CA THR C 119 -9.56 31.34 13.35
C THR C 119 -8.51 32.34 13.78
N PRO C 120 -8.31 32.55 15.09
CA PRO C 120 -7.21 33.46 15.57
C PRO C 120 -5.81 32.78 15.51
N HIS C 121 -5.77 31.62 14.88
CA HIS C 121 -4.60 30.80 14.77
C HIS C 121 -4.15 30.75 13.32
N ILE C 122 -2.93 30.29 13.12
CA ILE C 122 -2.37 30.12 11.78
C ILE C 122 -2.40 28.67 11.39
N TYR C 123 -2.02 27.78 12.33
CA TYR C 123 -1.70 26.38 12.06
C TYR C 123 -2.53 25.41 12.91
N LEU C 124 -3.28 24.52 12.24
CA LEU C 124 -3.95 23.43 12.93
C LEU C 124 -3.57 22.09 12.32
N ALA C 125 -3.60 21.07 13.16
CA ALA C 125 -3.00 19.80 12.81
C ALA C 125 -3.74 18.58 13.42
N PHE C 126 -3.73 17.49 12.65
CA PHE C 126 -4.27 16.21 13.07
C PHE C 126 -5.69 16.30 13.57
N GLN C 127 -6.08 15.64 14.65
CA GLN C 127 -7.51 15.49 14.90
C GLN C 127 -8.14 16.86 14.95
N GLY C 128 -7.54 17.78 15.68
CA GLY C 128 -8.09 19.09 15.76
C GLY C 128 -8.38 19.76 14.41
N ALA C 129 -7.60 19.42 13.40
CA ALA C 129 -7.76 20.09 12.10
C ALA C 129 -8.83 19.41 11.28
N GLN C 130 -9.07 18.12 11.54
CA GLN C 130 -10.22 17.45 10.95
C GLN C 130 -11.52 17.92 11.62
N ASP C 131 -11.42 18.27 12.91
CA ASP C 131 -12.58 18.79 13.64
C ASP C 131 -12.98 20.12 13.01
N PHE C 132 -11.99 20.96 12.74
CA PHE C 132 -12.24 22.25 12.10
C PHE C 132 -12.93 22.08 10.72
N ALA C 133 -12.40 21.14 9.93
CA ALA C 133 -12.95 20.82 8.62
C ALA C 133 -14.42 20.43 8.70
N LYS C 134 -14.72 19.50 9.59
CA LYS C 134 -16.08 19.08 9.87
C LYS C 134 -16.97 20.28 10.20
N GLN C 135 -16.52 21.09 11.16
CA GLN C 135 -17.21 22.32 11.55
C GLN C 135 -17.44 23.26 10.38
N GLN C 136 -16.48 23.35 9.47
CA GLN C 136 -16.57 24.32 8.37
C GLN C 136 -17.30 23.75 7.17
N GLY C 137 -17.51 22.43 7.15
CA GLY C 137 -18.26 21.78 6.10
C GLY C 137 -17.56 21.56 4.76
N VAL C 138 -16.22 21.59 4.71
CA VAL C 138 -15.48 21.36 3.43
C VAL C 138 -15.67 19.92 2.92
N GLU C 139 -15.31 19.64 1.68
CA GLU C 139 -15.48 18.32 1.14
C GLU C 139 -14.48 17.39 1.75
N THR C 140 -14.98 16.29 2.31
CA THR C 140 -14.18 15.17 2.80
C THR C 140 -14.55 13.91 2.05
N VAL C 141 -13.59 13.01 1.91
CA VAL C 141 -13.79 11.76 1.15
C VAL C 141 -13.25 10.58 1.95
N ASP C 142 -13.75 9.37 1.68
CA ASP C 142 -13.12 8.18 2.24
C ASP C 142 -11.60 8.24 1.94
N SER C 143 -10.79 7.85 2.91
CA SER C 143 -9.35 7.99 2.75
C SER C 143 -8.85 7.28 1.49
N SER C 144 -9.35 6.07 1.27
CA SER C 144 -9.06 5.27 0.07
C SER C 144 -9.08 6.07 -1.24
N HIS C 145 -9.92 7.09 -1.33
CA HIS C 145 -10.11 7.85 -2.55
C HIS C 145 -8.82 8.66 -2.86
N LEU C 146 -8.03 8.95 -1.83
CA LEU C 146 -6.77 9.68 -1.99
C LEU C 146 -5.63 8.79 -2.46
N ILE C 147 -5.80 7.47 -2.35
CA ILE C 147 -4.71 6.54 -2.59
C ILE C 147 -4.63 6.11 -4.04
N THR C 148 -3.45 6.18 -4.63
CA THR C 148 -3.19 5.60 -5.95
C THR C 148 -2.26 4.35 -5.94
N ALA C 149 -2.55 3.41 -6.82
CA ALA C 149 -1.69 2.27 -7.07
C ALA C 149 -0.23 2.67 -7.14
N GLU C 150 0.09 3.69 -7.93
CA GLU C 150 1.48 4.14 -8.03
C GLU C 150 2.09 4.36 -6.65
N ASN C 151 1.37 5.06 -5.80
CA ASN C 151 1.82 5.30 -4.42
C ASN C 151 1.93 4.04 -3.55
N VAL C 152 0.98 3.13 -3.64
CA VAL C 152 1.13 1.88 -2.91
C VAL C 152 2.41 1.16 -3.33
N GLU C 153 2.65 1.10 -4.64
CA GLU C 153 3.85 0.43 -5.16
C GLU C 153 5.14 1.11 -4.67
N ARG C 154 5.18 2.44 -4.62
CA ARG C 154 6.35 3.14 -4.05
C ARG C 154 6.61 2.83 -2.59
N LEU C 155 5.55 2.81 -1.81
CA LEU C 155 5.71 2.49 -0.39
C LEU C 155 6.43 1.16 -0.31
N LYS C 156 5.83 0.11 -0.86
CA LYS C 156 6.41 -1.24 -0.90
C LYS C 156 7.93 -1.22 -1.10
N LEU C 157 8.38 -0.54 -2.14
CA LEU C 157 9.80 -0.53 -2.48
C LEU C 157 10.63 0.24 -1.45
N ALA C 158 10.05 1.32 -0.94
CA ALA C 158 10.69 2.12 0.10
C ALA C 158 10.69 1.38 1.41
N ILE C 159 9.66 0.56 1.64
CA ILE C 159 9.50 -0.14 2.92
C ILE C 159 10.45 -1.32 3.07
N GLU C 160 10.90 -1.92 1.97
CA GLU C 160 11.85 -3.02 2.06
C GLU C 160 13.29 -2.50 2.11
N ALA C 161 13.49 -1.35 1.46
CA ALA C 161 14.77 -0.64 1.52
C ALA C 161 14.97 0.13 2.84
N ASN C 162 13.96 0.18 3.71
CA ASN C 162 14.03 0.99 4.97
C ASN C 162 14.43 2.47 4.76
N ARG C 163 13.86 3.12 3.74
CA ARG C 163 14.18 4.52 3.41
C ARG C 163 12.95 5.39 3.44
N VAL C 164 13.21 6.67 3.65
CA VAL C 164 12.19 7.68 3.51
C VAL C 164 12.52 8.35 2.21
N GLN C 165 11.56 8.35 1.30
CA GLN C 165 11.84 8.73 -0.07
C GLN C 165 10.93 9.84 -0.55
N VAL C 166 11.47 10.59 -1.48
CA VAL C 166 10.71 11.63 -2.15
C VAL C 166 9.89 10.90 -3.21
N ASP C 167 8.63 11.32 -3.42
CA ASP C 167 7.78 10.73 -4.50
C ASP C 167 8.58 10.43 -5.74
N TYR C 168 9.41 11.41 -6.13
CA TYR C 168 10.34 11.28 -7.26
C TYR C 168 11.67 10.77 -6.76
N SER C 169 11.80 9.44 -6.79
CA SER C 169 12.96 8.70 -6.34
C SER C 169 13.29 7.59 -7.33
N GLN C 170 14.56 7.31 -7.55
CA GLN C 170 14.98 6.21 -8.42
C GLN C 170 14.65 4.79 -7.88
N THR D 1 4.47 17.23 -3.47
CA THR D 1 4.34 18.66 -3.14
C THR D 1 3.83 19.39 -4.36
N VAL D 2 2.83 20.26 -4.18
CA VAL D 2 2.43 21.17 -5.25
C VAL D 2 2.40 22.54 -4.70
N GLY D 3 2.39 23.49 -5.61
CA GLY D 3 2.46 24.88 -5.24
C GLY D 3 2.22 25.83 -6.38
N CYS D 4 1.90 27.05 -6.02
CA CYS D 4 1.65 28.09 -6.97
C CYS D 4 1.93 29.44 -6.34
N VAL D 5 2.53 30.34 -7.11
CA VAL D 5 2.83 31.71 -6.66
C VAL D 5 2.31 32.65 -7.71
N ALA D 6 1.81 33.80 -7.26
CA ALA D 6 1.24 34.74 -8.19
C ALA D 6 1.37 36.14 -7.66
N VAL D 7 1.44 37.09 -8.59
CA VAL D 7 1.49 38.48 -8.30
C VAL D 7 0.63 39.18 -9.37
N ASP D 8 -0.06 40.23 -8.95
CA ASP D 8 -0.82 41.08 -9.84
C ASP D 8 0.00 42.32 -10.27
N SER D 9 -0.67 43.22 -10.98
CA SER D 9 -0.13 44.51 -11.41
C SER D 9 0.30 45.46 -10.29
N HIS D 10 -0.22 45.26 -9.09
CA HIS D 10 0.02 46.22 -8.02
C HIS D 10 1.11 45.79 -7.05
N GLY D 11 1.65 44.59 -7.27
CA GLY D 11 2.63 43.99 -6.37
C GLY D 11 2.01 43.07 -5.35
N ASN D 12 0.70 42.93 -5.35
CA ASN D 12 0.06 42.04 -4.43
C ASN D 12 0.54 40.60 -4.72
N LEU D 13 1.15 39.97 -3.72
CA LEU D 13 1.90 38.71 -3.87
C LEU D 13 1.25 37.67 -2.99
N ALA D 14 1.33 36.40 -3.38
CA ALA D 14 0.75 35.35 -2.56
C ALA D 14 1.34 34.01 -2.87
N SER D 15 1.25 33.10 -1.92
CA SER D 15 1.84 31.78 -2.12
C SER D 15 1.05 30.64 -1.44
N ALA D 16 1.04 29.48 -2.09
CA ALA D 16 0.36 28.29 -1.59
C ALA D 16 1.14 27.03 -1.94
N THR D 17 1.18 26.10 -0.99
CA THR D 17 1.94 24.86 -1.14
C THR D 17 1.13 23.75 -0.49
N SER D 18 1.08 22.58 -1.12
CA SER D 18 0.33 21.46 -0.53
C SER D 18 1.09 20.17 -0.76
N THR D 19 0.94 19.21 0.13
CA THR D 19 1.69 17.97 -0.04
C THR D 19 1.11 16.73 0.69
N GLY D 20 1.51 15.55 0.21
CA GLY D 20 1.41 14.31 0.99
C GLY D 20 2.66 14.09 1.84
N GLY D 21 3.72 14.84 1.53
CA GLY D 21 5.03 14.74 2.22
C GLY D 21 5.97 13.73 1.56
N LEU D 22 6.65 12.94 2.39
CA LEU D 22 7.61 11.98 1.92
C LEU D 22 7.06 10.60 2.04
N VAL D 23 7.46 9.78 1.09
CA VAL D 23 7.07 8.40 1.06
C VAL D 23 7.74 7.67 2.19
N ASN D 24 6.94 7.06 3.03
CA ASN D 24 7.41 6.19 4.09
C ASN D 24 7.80 7.00 5.33
N LYS D 25 7.41 8.28 5.37
CA LYS D 25 7.60 9.09 6.59
C LYS D 25 6.98 8.36 7.79
N MET D 26 7.55 8.59 8.95
CA MET D 26 6.93 8.11 10.17
C MET D 26 5.57 8.83 10.34
N VAL D 27 4.65 8.18 11.04
CA VAL D 27 3.35 8.76 11.24
C VAL D 27 3.53 9.94 12.17
N GLY D 28 2.95 11.05 11.79
CA GLY D 28 3.05 12.24 12.59
C GLY D 28 4.13 13.16 12.07
N ARG D 29 4.85 12.77 11.03
CA ARG D 29 5.98 13.60 10.57
C ARG D 29 5.52 14.82 9.81
N ILE D 30 6.01 15.98 10.24
CA ILE D 30 5.72 17.28 9.65
C ILE D 30 6.93 17.71 8.76
N GLY D 31 6.63 18.16 7.55
CA GLY D 31 7.68 18.59 6.62
C GLY D 31 7.79 20.10 6.51
N ASP D 32 8.28 20.58 5.38
CA ASP D 32 8.45 22.02 5.19
C ASP D 32 7.14 22.72 4.75
N THR D 33 6.29 21.95 4.07
CA THR D 33 5.12 22.54 3.45
C THR D 33 4.26 23.37 4.42
N PRO D 34 3.87 22.83 5.60
CA PRO D 34 3.04 23.66 6.48
C PRO D 34 3.76 24.76 7.25
N LEU D 35 5.09 24.81 7.21
CA LEU D 35 5.84 25.86 7.95
C LEU D 35 6.05 27.14 7.12
N ILE D 36 5.76 28.29 7.74
CA ILE D 36 5.90 29.61 7.15
C ILE D 36 7.34 30.03 7.25
N GLY D 37 7.90 30.45 6.15
CA GLY D 37 9.30 30.76 6.16
C GLY D 37 10.10 29.59 5.67
N ALA D 38 9.57 28.37 5.80
CA ALA D 38 10.22 27.17 5.24
C ALA D 38 9.75 26.91 3.82
N GLY D 39 8.56 26.37 3.70
CA GLY D 39 8.06 25.95 2.38
C GLY D 39 7.23 27.00 1.64
N THR D 40 6.63 27.90 2.43
CA THR D 40 5.72 28.91 1.93
C THR D 40 6.02 30.24 2.54
N TYR D 41 6.16 31.26 1.72
CA TYR D 41 6.32 32.59 2.25
C TYR D 41 5.88 33.61 1.22
N ALA D 42 5.37 34.73 1.67
CA ALA D 42 5.02 35.80 0.76
C ALA D 42 5.10 37.12 1.47
N ASN D 43 5.25 38.18 0.69
CA ASN D 43 5.87 39.42 1.18
C ASN D 43 5.51 40.67 0.36
N GLU D 44 6.10 41.79 0.75
CA GLU D 44 6.09 42.99 -0.09
C GLU D 44 6.81 42.74 -1.40
N LEU D 45 7.87 41.92 -1.31
CA LEU D 45 8.93 41.80 -2.31
C LEU D 45 8.85 40.56 -3.17
N CYS D 46 8.30 39.48 -2.61
CA CYS D 46 8.21 38.22 -3.32
C CYS D 46 7.28 37.26 -2.65
N ALA D 47 7.02 36.17 -3.36
CA ALA D 47 6.30 35.03 -2.82
C ALA D 47 7.09 33.82 -3.24
N VAL D 48 7.18 32.83 -2.35
CA VAL D 48 7.92 31.62 -2.62
C VAL D 48 7.14 30.38 -2.20
N SER D 49 7.30 29.31 -2.99
CA SER D 49 6.81 27.98 -2.63
C SER D 49 7.96 27.02 -2.91
N ALA D 50 8.39 26.27 -1.88
CA ALA D 50 9.50 25.31 -2.05
C ALA D 50 9.01 23.86 -2.17
N THR D 51 9.91 22.99 -2.60
CA THR D 51 9.64 21.57 -2.70
C THR D 51 10.90 20.68 -2.63
N GLY D 52 10.73 19.47 -2.08
CA GLY D 52 11.78 18.44 -2.06
C GLY D 52 11.90 17.71 -0.74
N LYS D 53 13.11 17.62 -0.22
CA LYS D 53 13.40 16.91 1.06
C LYS D 53 13.01 17.87 2.18
N GLY D 54 11.79 17.71 2.68
CA GLY D 54 11.23 18.61 3.71
C GLY D 54 12.23 19.11 4.72
N GLU D 55 12.85 18.19 5.43
CA GLU D 55 13.78 18.50 6.49
C GLU D 55 14.85 19.47 6.03
N GLU D 56 15.40 19.24 4.83
CA GLU D 56 16.39 20.13 4.25
C GLU D 56 15.85 21.53 3.96
N ILE D 57 14.53 21.64 3.68
CA ILE D 57 13.90 22.96 3.57
C ILE D 57 13.67 23.67 4.92
N ILE D 58 13.23 22.94 5.95
CA ILE D 58 13.16 23.49 7.29
C ILE D 58 14.56 24.01 7.72
N ARG D 59 15.56 23.19 7.52
CA ARG D 59 16.89 23.50 8.03
C ARG D 59 17.37 24.88 7.50
N ALA D 60 17.13 25.12 6.23
CA ALA D 60 17.61 26.33 5.55
C ALA D 60 16.51 27.40 5.50
N THR D 61 15.34 27.13 6.08
CA THR D 61 14.26 28.14 6.08
C THR D 61 14.17 28.80 4.67
N VAL D 62 13.91 27.98 3.65
CA VAL D 62 14.19 28.33 2.23
C VAL D 62 13.41 29.55 1.78
N ALA D 63 12.08 29.49 1.93
CA ALA D 63 11.17 30.50 1.42
C ALA D 63 11.40 31.86 2.05
N ARG D 64 11.85 31.83 3.30
CA ARG D 64 12.10 33.08 3.97
C ARG D 64 13.47 33.64 3.61
N ASP D 65 14.49 32.80 3.52
CA ASP D 65 15.84 33.25 3.15
C ASP D 65 15.82 34.07 1.86
N VAL D 66 15.02 33.59 0.90
CA VAL D 66 14.90 34.25 -0.38
C VAL D 66 14.45 35.69 -0.20
N ALA D 67 13.30 35.86 0.42
CA ALA D 67 12.80 37.19 0.73
C ALA D 67 13.84 38.01 1.53
N ALA D 68 14.53 37.33 2.42
CA ALA D 68 15.43 38.00 3.34
C ALA D 68 16.70 38.48 2.61
N LEU D 69 17.24 37.66 1.72
CA LEU D 69 18.40 38.03 0.90
C LEU D 69 18.08 39.22 0.01
N MET D 70 16.90 39.19 -0.60
CA MET D 70 16.43 40.35 -1.36
C MET D 70 16.40 41.63 -0.52
N GLU D 71 15.59 41.67 0.54
CA GLU D 71 15.40 42.92 1.31
C GLU D 71 16.66 43.39 2.00
N PHE D 72 17.36 42.48 2.66
CA PHE D 72 18.49 42.82 3.52
C PHE D 72 19.83 42.95 2.79
N LYS D 73 20.11 42.12 1.79
CA LYS D 73 21.37 42.24 1.05
C LYS D 73 21.14 42.86 -0.36
N GLY D 74 19.89 43.10 -0.76
CA GLY D 74 19.60 43.74 -2.04
C GLY D 74 19.66 42.81 -3.25
N LEU D 75 19.80 41.52 -3.05
CA LEU D 75 19.82 40.60 -4.19
C LEU D 75 18.51 40.68 -4.97
N SER D 76 18.58 40.50 -6.28
CA SER D 76 17.38 40.33 -7.09
C SER D 76 16.80 38.99 -6.74
N LEU D 77 15.56 38.78 -7.16
CA LEU D 77 14.86 37.51 -6.99
C LEU D 77 15.73 36.37 -7.50
N LYS D 78 16.18 36.49 -8.74
CA LYS D 78 17.05 35.51 -9.40
C LYS D 78 18.24 35.13 -8.50
N GLU D 79 19.09 36.10 -8.17
CA GLU D 79 20.28 35.86 -7.34
C GLU D 79 19.95 35.19 -6.02
N ALA D 80 18.95 35.71 -5.31
CA ALA D 80 18.51 35.17 -4.00
C ALA D 80 18.02 33.73 -4.13
N ALA D 81 17.24 33.48 -5.18
CA ALA D 81 16.69 32.14 -5.40
C ALA D 81 17.84 31.15 -5.71
N ASP D 82 18.75 31.54 -6.59
CA ASP D 82 19.87 30.69 -6.95
C ASP D 82 20.77 30.42 -5.74
N PHE D 83 20.93 31.45 -4.91
CA PHE D 83 21.83 31.37 -3.79
C PHE D 83 21.34 30.37 -2.76
N VAL D 84 20.06 30.43 -2.42
CA VAL D 84 19.52 29.51 -1.42
C VAL D 84 19.58 28.09 -1.99
N ILE D 85 19.17 27.96 -3.24
CA ILE D 85 19.10 26.64 -3.87
C ILE D 85 20.49 26.05 -4.13
N HIS D 86 21.36 26.76 -4.84
CA HIS D 86 22.60 26.16 -5.29
C HIS D 86 23.79 26.27 -4.32
N GLU D 87 23.69 27.11 -3.29
CA GLU D 87 24.80 27.28 -2.34
C GLU D 87 24.47 26.90 -0.89
N ARG D 88 23.20 26.77 -0.51
CA ARG D 88 22.87 26.51 0.91
C ARG D 88 21.98 25.28 1.12
N THR D 89 21.97 24.38 0.15
CA THR D 89 21.15 23.18 0.28
C THR D 89 21.91 22.08 -0.40
N PRO D 90 21.93 20.88 0.21
CA PRO D 90 22.65 19.81 -0.48
C PRO D 90 21.96 19.53 -1.78
N LYS D 91 22.71 19.11 -2.77
CA LYS D 91 22.14 18.89 -4.09
C LYS D 91 21.11 17.76 -4.05
N GLY D 92 20.18 17.82 -4.97
CA GLY D 92 19.21 16.75 -5.09
C GLY D 92 18.18 16.72 -3.99
N THR D 93 17.95 17.86 -3.33
CA THR D 93 17.00 17.93 -2.23
C THR D 93 15.97 19.03 -2.35
N VAL D 94 16.18 20.01 -3.22
CA VAL D 94 15.29 21.22 -3.21
C VAL D 94 15.11 21.96 -4.55
N GLY D 95 13.86 22.20 -4.92
CA GLY D 95 13.50 23.22 -5.88
C GLY D 95 12.56 24.25 -5.27
N LEU D 96 12.42 25.37 -5.94
CA LEU D 96 11.46 26.38 -5.55
C LEU D 96 10.99 27.17 -6.74
N ILE D 97 9.78 27.69 -6.63
CA ILE D 97 9.28 28.74 -7.52
C ILE D 97 9.10 30.04 -6.74
N ALA D 98 9.25 31.17 -7.44
CA ALA D 98 9.10 32.50 -6.84
C ALA D 98 8.75 33.56 -7.86
N VAL D 99 8.00 34.56 -7.42
CA VAL D 99 7.78 35.78 -8.18
C VAL D 99 8.04 37.01 -7.30
N SER D 100 8.38 38.12 -7.95
CA SER D 100 8.68 39.37 -7.23
C SER D 100 7.52 40.35 -7.41
N ALA D 101 7.48 41.35 -6.53
CA ALA D 101 6.53 42.46 -6.63
C ALA D 101 6.37 42.96 -8.07
N ALA D 102 7.50 43.20 -8.73
CA ALA D 102 7.56 43.77 -10.08
C ALA D 102 7.37 42.75 -11.24
N GLY D 103 7.04 41.50 -10.95
CA GLY D 103 6.67 40.55 -12.01
C GLY D 103 7.70 39.49 -12.37
N GLU D 104 8.94 39.64 -11.88
CA GLU D 104 10.02 38.72 -12.17
C GLU D 104 9.61 37.32 -11.73
N ILE D 105 10.14 36.31 -12.42
CA ILE D 105 9.87 34.90 -12.11
C ILE D 105 11.18 34.15 -12.01
N ALA D 106 11.39 33.40 -10.92
CA ALA D 106 12.55 32.52 -10.70
C ALA D 106 12.17 31.09 -10.32
N MET D 107 12.65 30.11 -11.09
CA MET D 107 12.30 28.71 -10.80
C MET D 107 13.49 27.78 -10.62
N PRO D 108 14.49 28.18 -9.82
CA PRO D 108 15.65 27.29 -9.65
C PRO D 108 15.34 26.06 -8.80
N PHE D 109 16.16 25.05 -9.00
CA PHE D 109 16.09 23.80 -8.30
C PHE D 109 17.42 23.09 -8.47
N ASN D 110 17.80 22.34 -7.45
CA ASN D 110 18.98 21.52 -7.44
C ASN D 110 18.65 20.01 -7.52
N THR D 111 17.38 19.66 -7.70
CA THR D 111 17.04 18.27 -7.98
C THR D 111 17.32 18.00 -9.45
N THR D 112 17.17 16.76 -9.86
CA THR D 112 17.36 16.40 -11.25
C THR D 112 16.32 17.10 -12.12
N GLY D 113 15.09 17.17 -11.61
CA GLY D 113 13.98 17.77 -12.34
C GLY D 113 13.02 18.44 -11.39
N MET D 114 12.21 19.36 -11.92
CA MET D 114 11.07 19.91 -11.17
C MET D 114 9.90 20.22 -12.09
N PHE D 115 8.76 19.57 -11.85
CA PHE D 115 7.55 19.84 -12.64
C PHE D 115 7.14 21.27 -12.32
N ARG D 116 7.08 22.09 -13.37
CA ARG D 116 6.83 23.49 -13.18
C ARG D 116 6.29 24.16 -14.46
N ALA D 117 5.57 25.26 -14.22
CA ALA D 117 5.03 26.12 -15.26
C ALA D 117 5.10 27.55 -14.83
N CYS D 118 4.87 28.47 -15.76
CA CYS D 118 4.80 29.89 -15.40
C CYS D 118 4.30 30.73 -16.58
N ALA D 119 3.84 31.94 -16.30
CA ALA D 119 3.36 32.80 -17.35
C ALA D 119 3.34 34.24 -16.89
N THR D 120 3.34 35.15 -17.88
CA THR D 120 3.24 36.56 -17.61
C THR D 120 2.19 37.22 -18.47
N GLU D 121 1.69 38.37 -18.02
CA GLU D 121 0.68 39.08 -18.77
C GLU D 121 1.19 39.46 -20.17
N ASP D 122 2.46 39.88 -20.27
CA ASP D 122 3.07 40.21 -21.58
C ASP D 122 2.98 39.06 -22.62
N GLY D 123 2.97 37.80 -22.18
CA GLY D 123 2.73 36.69 -23.09
C GLY D 123 3.58 35.44 -22.96
N TYR D 124 4.57 35.48 -22.08
CA TYR D 124 5.47 34.35 -21.87
C TYR D 124 4.68 33.17 -21.27
N SER D 125 5.04 31.96 -21.70
CA SER D 125 4.58 30.71 -21.04
C SER D 125 5.77 29.76 -21.05
N GLU D 126 5.72 28.78 -20.14
CA GLU D 126 6.65 27.65 -20.18
C GLU D 126 6.13 26.55 -19.25
N ILE D 127 6.01 25.36 -19.83
CA ILE D 127 5.99 24.10 -19.11
C ILE D 127 7.38 23.47 -19.21
N ALA D 128 7.79 22.72 -18.18
CA ALA D 128 9.15 22.15 -18.11
C ALA D 128 9.25 21.08 -17.03
N ILE D 129 10.22 20.17 -17.22
CA ILE D 129 10.58 19.15 -16.24
C ILE D 129 12.06 19.19 -15.86
N TRP D 130 12.96 19.19 -16.83
CA TRP D 130 14.38 19.09 -16.51
C TRP D 130 15.01 20.45 -16.71
N PRO D 131 16.30 20.62 -16.33
CA PRO D 131 16.92 21.90 -16.61
C PRO D 131 17.03 22.16 -18.11
N THR D 132 16.86 23.41 -18.51
CA THR D 132 17.44 23.87 -19.78
C THR D 132 18.99 23.81 -19.63
N THR D 133 19.68 23.20 -20.60
CA THR D 133 21.07 22.65 -20.43
C THR D 133 22.02 22.93 -21.61
N GLY E 5 -41.77 -25.61 -3.68
CA GLY E 5 -40.87 -26.75 -3.33
C GLY E 5 -39.82 -26.29 -2.33
N GLY E 6 -39.12 -25.23 -2.73
CA GLY E 6 -38.20 -24.50 -1.86
C GLY E 6 -36.93 -24.17 -2.63
N TRP E 7 -36.66 -22.89 -2.84
CA TRP E 7 -35.27 -22.51 -3.08
C TRP E 7 -34.55 -22.30 -1.74
N SER E 8 -33.23 -22.36 -1.84
CA SER E 8 -32.36 -21.96 -0.76
C SER E 8 -31.22 -21.17 -1.38
N ILE E 9 -30.60 -20.32 -0.56
CA ILE E 9 -29.43 -19.59 -1.00
C ILE E 9 -28.48 -19.50 0.18
N ALA E 10 -27.22 -19.39 -0.17
CA ALA E 10 -26.22 -19.03 0.80
C ALA E 10 -25.12 -18.27 0.10
N LEU E 11 -24.37 -17.55 0.92
CA LEU E 11 -23.36 -16.66 0.43
C LEU E 11 -22.36 -16.45 1.51
N HIS E 12 -21.18 -15.97 1.15
CA HIS E 12 -20.18 -15.68 2.14
C HIS E 12 -19.34 -14.50 1.75
N GLY E 13 -18.64 -13.97 2.78
CA GLY E 13 -17.74 -12.82 2.66
C GLY E 13 -16.35 -13.14 3.16
N GLY E 14 -16.04 -14.42 3.24
CA GLY E 14 -14.69 -14.84 3.54
C GLY E 14 -14.48 -15.51 4.87
N ALA E 15 -13.62 -16.53 4.88
CA ALA E 15 -13.26 -17.22 6.10
C ALA E 15 -11.83 -16.88 6.52
N GLY E 16 -11.62 -16.71 7.83
CA GLY E 16 -10.29 -16.45 8.41
C GLY E 16 -10.32 -16.18 9.91
N ASP E 17 -9.23 -15.64 10.41
CA ASP E 17 -9.09 -15.31 11.82
C ASP E 17 -9.72 -13.91 12.05
N ILE E 18 -10.98 -13.90 12.43
CA ILE E 18 -11.74 -12.66 12.63
C ILE E 18 -12.01 -12.58 14.11
N PRO E 19 -11.31 -11.70 14.81
CA PRO E 19 -11.46 -11.74 16.24
C PRO E 19 -12.88 -11.39 16.66
N PHE E 20 -13.30 -11.92 17.79
CA PHE E 20 -14.53 -11.47 18.45
C PHE E 20 -14.55 -9.97 18.70
N SER E 21 -13.39 -9.41 19.03
CA SER E 21 -13.24 -7.99 19.34
C SER E 21 -13.18 -7.10 18.08
N LEU E 22 -13.35 -7.69 16.89
CA LEU E 22 -13.51 -6.92 15.66
C LEU E 22 -14.24 -5.60 15.92
N PRO E 23 -13.56 -4.45 15.66
CA PRO E 23 -14.16 -3.14 15.95
C PRO E 23 -15.47 -2.82 15.19
N PRO E 24 -16.31 -1.91 15.72
CA PRO E 24 -17.57 -1.60 15.02
C PRO E 24 -17.43 -1.10 13.56
N GLU E 25 -16.42 -0.27 13.29
CA GLU E 25 -16.10 0.25 11.92
C GLU E 25 -15.75 -0.83 10.92
N ARG E 26 -15.23 -1.93 11.40
CA ARG E 26 -14.90 -3.04 10.54
C ARG E 26 -16.00 -4.05 10.55
N ARG E 27 -16.65 -4.27 11.69
CA ARG E 27 -17.70 -5.30 11.77
C ARG E 27 -19.07 -4.93 11.10
N LYS E 28 -19.55 -3.71 11.30
CA LYS E 28 -20.90 -3.32 10.78
C LYS E 28 -21.04 -3.21 9.27
N PRO E 29 -20.05 -2.66 8.57
CA PRO E 29 -20.17 -2.64 7.10
C PRO E 29 -20.17 -4.03 6.48
N ARG E 30 -19.56 -5.01 7.16
CA ARG E 30 -19.54 -6.36 6.68
C ARG E 30 -20.85 -7.02 6.97
N GLU E 31 -21.39 -6.80 8.16
CA GLU E 31 -22.73 -7.33 8.47
C GLU E 31 -23.79 -6.68 7.58
N GLU E 32 -23.71 -5.37 7.34
CA GLU E 32 -24.61 -4.72 6.37
C GLU E 32 -24.45 -5.33 4.96
N GLY E 33 -23.19 -5.57 4.57
CA GLY E 33 -22.86 -6.23 3.33
C GLY E 33 -23.69 -7.49 3.21
N LEU E 34 -23.43 -8.44 4.10
CA LEU E 34 -24.18 -9.73 4.14
C LEU E 34 -25.68 -9.51 3.99
N ARG E 35 -26.25 -8.57 4.76
CA ARG E 35 -27.69 -8.26 4.71
C ARG E 35 -28.09 -7.84 3.28
N HIS E 36 -27.52 -6.74 2.82
CA HIS E 36 -27.80 -6.20 1.50
C HIS E 36 -27.83 -7.26 0.42
N CYS E 37 -26.79 -8.08 0.43
CA CYS E 37 -26.57 -9.08 -0.60
C CYS E 37 -27.52 -10.26 -0.39
N LEU E 38 -27.80 -10.63 0.87
CA LEU E 38 -28.79 -11.68 1.18
C LEU E 38 -30.15 -11.25 0.63
N GLN E 39 -30.53 -10.02 0.91
CA GLN E 39 -31.80 -9.51 0.46
C GLN E 39 -31.95 -9.69 -1.07
N ILE E 40 -30.96 -9.23 -1.82
CA ILE E 40 -30.95 -9.26 -3.29
C ILE E 40 -31.07 -10.65 -3.88
N GLY E 41 -30.25 -11.57 -3.36
CA GLY E 41 -30.36 -12.98 -3.76
C GLY E 41 -31.74 -13.56 -3.50
N VAL E 42 -32.31 -13.26 -2.33
CA VAL E 42 -33.66 -13.74 -1.94
C VAL E 42 -34.71 -13.24 -2.91
N GLU E 43 -34.74 -11.93 -3.16
CA GLU E 43 -35.70 -11.40 -4.15
C GLU E 43 -35.49 -12.01 -5.57
N ALA E 44 -34.26 -12.35 -5.90
CA ALA E 44 -33.95 -12.84 -7.23
C ALA E 44 -34.56 -14.22 -7.33
N LEU E 45 -34.36 -15.02 -6.30
CA LEU E 45 -35.01 -16.33 -6.28
C LEU E 45 -36.56 -16.21 -6.16
N LYS E 46 -37.07 -15.20 -5.44
CA LYS E 46 -38.52 -15.09 -5.29
C LYS E 46 -39.08 -14.79 -6.67
N ALA E 47 -38.38 -13.95 -7.41
CA ALA E 47 -38.75 -13.68 -8.83
C ALA E 47 -38.30 -14.79 -9.80
N GLN E 48 -37.80 -15.89 -9.23
CA GLN E 48 -37.40 -17.11 -9.94
C GLN E 48 -36.40 -16.94 -11.07
N LYS E 49 -35.47 -16.02 -10.94
CA LYS E 49 -34.32 -16.02 -11.84
C LYS E 49 -33.59 -17.38 -11.69
N PRO E 50 -33.00 -17.90 -12.77
CA PRO E 50 -32.19 -19.13 -12.68
C PRO E 50 -31.11 -19.00 -11.60
N PRO E 51 -30.94 -20.05 -10.79
CA PRO E 51 -29.87 -20.08 -9.82
C PRO E 51 -28.49 -19.62 -10.32
N LEU E 52 -28.15 -19.90 -11.57
CA LEU E 52 -26.89 -19.41 -12.15
C LEU E 52 -26.81 -17.88 -12.32
N ASP E 53 -27.90 -17.29 -12.78
CA ASP E 53 -28.06 -15.82 -12.81
C ASP E 53 -28.01 -15.23 -11.42
N VAL E 54 -28.57 -15.93 -10.45
CA VAL E 54 -28.62 -15.44 -9.06
C VAL E 54 -27.26 -15.39 -8.38
N VAL E 55 -26.48 -16.45 -8.54
CA VAL E 55 -25.11 -16.45 -7.99
C VAL E 55 -24.19 -15.37 -8.59
N GLU E 56 -24.35 -15.07 -9.89
CA GLU E 56 -23.56 -14.05 -10.56
C GLU E 56 -24.00 -12.69 -10.02
N LEU E 57 -25.30 -12.50 -9.90
CA LEU E 57 -25.85 -11.25 -9.35
C LEU E 57 -25.44 -11.01 -7.89
N VAL E 58 -25.36 -12.06 -7.09
CA VAL E 58 -25.04 -11.87 -5.67
C VAL E 58 -23.54 -11.60 -5.51
N VAL E 59 -22.70 -12.35 -6.20
CA VAL E 59 -21.24 -12.17 -6.13
C VAL E 59 -20.83 -10.82 -6.74
N ARG E 60 -21.52 -10.36 -7.78
CA ARG E 60 -21.35 -9.00 -8.25
C ARG E 60 -21.58 -8.00 -7.10
N GLU E 61 -22.64 -8.19 -6.31
CA GLU E 61 -22.93 -7.30 -5.19
C GLU E 61 -21.89 -7.42 -4.09
N LEU E 62 -21.51 -8.66 -3.79
CA LEU E 62 -20.48 -8.95 -2.81
C LEU E 62 -19.14 -8.35 -3.22
N GLU E 63 -18.83 -8.43 -4.51
CA GLU E 63 -17.64 -7.84 -5.07
C GLU E 63 -17.67 -6.33 -4.88
N ASN E 64 -18.87 -5.74 -4.93
CA ASN E 64 -19.03 -4.28 -4.81
C ASN E 64 -18.99 -3.72 -3.36
N ILE E 65 -18.96 -4.61 -2.38
CA ILE E 65 -18.78 -4.22 -1.01
C ILE E 65 -17.30 -3.95 -0.78
N GLU E 66 -16.94 -2.71 -0.44
CA GLU E 66 -15.53 -2.34 -0.32
C GLU E 66 -14.85 -3.22 0.71
N HIS E 67 -15.61 -3.76 1.65
CA HIS E 67 -15.04 -4.42 2.83
C HIS E 67 -14.85 -5.89 2.68
N PHE E 68 -15.09 -6.42 1.49
CA PHE E 68 -14.89 -7.81 1.20
C PHE E 68 -13.86 -7.94 0.12
N ASN E 69 -13.06 -8.98 0.24
CA ASN E 69 -11.87 -9.17 -0.57
C ASN E 69 -12.21 -9.81 -1.94
N ALA E 70 -12.77 -8.99 -2.83
CA ALA E 70 -13.05 -9.39 -4.22
C ALA E 70 -13.41 -8.09 -4.91
N GLY E 71 -13.19 -7.96 -6.21
CA GLY E 71 -13.57 -6.72 -6.90
C GLY E 71 -13.03 -5.60 -6.06
N ILE E 72 -13.78 -4.52 -5.88
CA ILE E 72 -13.32 -3.41 -5.05
C ILE E 72 -13.12 -3.83 -3.60
N GLY E 73 -11.90 -3.64 -3.11
CA GLY E 73 -11.54 -4.16 -1.80
C GLY E 73 -10.69 -5.41 -1.86
N SER E 74 -10.22 -5.79 -3.06
CA SER E 74 -9.36 -6.94 -3.20
C SER E 74 -8.02 -6.67 -2.55
N VAL E 75 -7.41 -7.71 -1.98
CA VAL E 75 -6.12 -7.58 -1.30
C VAL E 75 -5.00 -7.37 -2.33
N LEU E 76 -3.81 -7.01 -1.86
CA LEU E 76 -2.73 -6.56 -2.71
C LEU E 76 -1.61 -7.59 -2.75
N THR E 77 -1.02 -7.74 -3.93
CA THR E 77 0.18 -8.55 -4.09
C THR E 77 1.35 -7.95 -3.33
N ASN E 78 2.40 -8.76 -3.20
CA ASN E 78 3.70 -8.28 -2.82
C ASN E 78 4.21 -7.03 -3.55
N SER E 79 3.80 -6.80 -4.80
CA SER E 79 4.18 -5.55 -5.53
C SER E 79 3.16 -4.41 -5.36
N GLY E 80 2.30 -4.48 -4.36
CA GLY E 80 1.30 -3.47 -4.16
C GLY E 80 0.20 -3.34 -5.22
N THR E 81 0.15 -4.26 -6.20
CA THR E 81 -0.89 -4.28 -7.26
C THR E 81 -2.07 -5.21 -6.96
N VAL E 82 -3.08 -5.17 -7.83
CA VAL E 82 -4.28 -6.02 -7.74
C VAL E 82 -4.33 -7.09 -8.88
N GLU E 83 -4.60 -8.34 -8.50
CA GLU E 83 -4.77 -9.46 -9.39
C GLU E 83 -5.96 -10.24 -8.88
N MET E 84 -7.09 -10.17 -9.60
CA MET E 84 -8.33 -10.80 -9.14
C MET E 84 -8.66 -12.11 -9.89
N GLU E 85 -9.35 -13.01 -9.21
CA GLU E 85 -9.76 -14.27 -9.81
C GLU E 85 -11.17 -14.61 -9.38
N ALA E 86 -11.79 -15.47 -10.19
CA ALA E 86 -13.21 -15.82 -10.02
C ALA E 86 -13.51 -17.02 -10.89
N SER E 87 -14.50 -17.80 -10.45
CA SER E 87 -15.05 -18.87 -11.23
C SER E 87 -16.53 -19.02 -10.93
N ILE E 88 -17.21 -19.70 -11.85
CA ILE E 88 -18.64 -19.91 -11.78
C ILE E 88 -18.94 -21.24 -12.41
N MET E 89 -19.91 -21.95 -11.82
CA MET E 89 -20.30 -23.28 -12.34
C MET E 89 -21.78 -23.60 -12.21
N ASP E 90 -22.41 -23.90 -13.37
CA ASP E 90 -23.75 -24.44 -13.47
C ASP E 90 -23.84 -25.96 -13.25
N GLY E 91 -24.48 -26.40 -12.17
CA GLY E 91 -24.56 -27.82 -11.83
C GLY E 91 -25.44 -28.68 -12.73
N ASN E 92 -26.35 -28.04 -13.44
CA ASN E 92 -27.29 -28.68 -14.37
C ASN E 92 -26.61 -29.15 -15.67
N THR E 93 -25.65 -28.35 -16.15
CA THR E 93 -24.97 -28.57 -17.43
C THR E 93 -23.49 -28.87 -17.29
N MET E 94 -22.93 -28.67 -16.09
CA MET E 94 -21.50 -28.77 -15.85
C MET E 94 -20.76 -27.70 -16.57
N LYS E 95 -21.45 -26.70 -17.07
CA LYS E 95 -20.75 -25.59 -17.72
C LYS E 95 -20.04 -24.78 -16.64
N CYS E 96 -18.92 -24.19 -17.00
CA CYS E 96 -18.17 -23.30 -16.12
C CYS E 96 -17.23 -22.37 -16.83
N GLY E 97 -16.83 -21.36 -16.08
CA GLY E 97 -15.96 -20.32 -16.58
C GLY E 97 -15.17 -19.79 -15.42
N ALA E 98 -14.01 -19.23 -15.73
CA ALA E 98 -13.08 -18.80 -14.70
C ALA E 98 -12.19 -17.75 -15.27
N VAL E 99 -11.60 -16.97 -14.37
CA VAL E 99 -10.68 -15.92 -14.73
C VAL E 99 -9.64 -15.70 -13.64
N SER E 100 -8.52 -15.14 -14.02
CA SER E 100 -7.42 -14.89 -13.12
C SER E 100 -6.64 -13.69 -13.63
N GLY E 101 -5.88 -13.09 -12.75
CA GLY E 101 -4.98 -11.99 -13.15
C GLY E 101 -5.64 -10.70 -13.56
N LEU E 102 -6.79 -10.37 -13.03
CA LEU E 102 -7.50 -9.15 -13.43
C LEU E 102 -7.02 -8.00 -12.60
N SER E 103 -6.68 -6.92 -13.27
CA SER E 103 -6.27 -5.72 -12.58
C SER E 103 -7.26 -4.59 -12.71
N THR E 104 -8.14 -4.60 -13.73
CA THR E 104 -9.08 -3.48 -13.96
C THR E 104 -10.56 -3.79 -14.17
N VAL E 105 -10.95 -5.06 -14.29
CA VAL E 105 -12.36 -5.32 -14.52
C VAL E 105 -13.10 -5.20 -13.21
N LEU E 106 -14.17 -4.44 -13.21
CA LEU E 106 -14.88 -4.12 -11.97
C LEU E 106 -15.56 -5.37 -11.40
N ASN E 107 -16.17 -6.20 -12.24
CA ASN E 107 -16.84 -7.42 -11.77
C ASN E 107 -16.29 -8.73 -12.37
N PRO E 108 -15.16 -9.21 -11.83
CA PRO E 108 -14.60 -10.47 -12.32
C PRO E 108 -15.62 -11.61 -12.53
N ILE E 109 -16.56 -11.79 -11.60
CA ILE E 109 -17.40 -12.98 -11.64
C ILE E 109 -18.14 -12.99 -12.98
N SER E 110 -18.49 -11.79 -13.45
CA SER E 110 -19.21 -11.62 -14.72
C SER E 110 -18.36 -11.93 -15.97
N LEU E 111 -17.03 -11.86 -15.82
CA LEU E 111 -16.15 -12.19 -16.95
C LEU E 111 -16.04 -13.70 -17.02
N ALA E 112 -16.04 -14.37 -15.88
CA ALA E 112 -16.05 -15.84 -15.90
C ALA E 112 -17.30 -16.32 -16.59
N ARG E 113 -18.45 -15.71 -16.26
CA ARG E 113 -19.68 -16.09 -16.92
C ARG E 113 -19.50 -15.90 -18.43
N LEU E 114 -18.86 -14.82 -18.83
CA LEU E 114 -18.72 -14.55 -20.24
C LEU E 114 -17.81 -15.58 -20.92
N VAL E 115 -16.74 -15.99 -20.24
CA VAL E 115 -15.80 -16.99 -20.76
C VAL E 115 -16.52 -18.32 -20.99
N MET E 116 -17.41 -18.65 -20.07
CA MET E 116 -18.24 -19.88 -20.14
C MET E 116 -19.15 -19.97 -21.37
N ASP E 117 -19.83 -18.86 -21.68
CA ASP E 117 -20.85 -18.85 -22.77
C ASP E 117 -20.32 -18.40 -24.11
N LYS E 118 -19.26 -17.59 -24.09
CA LYS E 118 -18.80 -16.88 -25.31
C LYS E 118 -17.49 -17.39 -25.87
N THR E 119 -17.00 -18.45 -25.26
CA THR E 119 -15.68 -18.97 -25.49
C THR E 119 -15.76 -20.50 -25.45
N PRO E 120 -15.03 -21.22 -26.34
CA PRO E 120 -15.01 -22.69 -26.21
C PRO E 120 -14.02 -23.16 -25.12
N HIS E 121 -13.65 -22.22 -24.24
CA HIS E 121 -12.77 -22.46 -23.11
C HIS E 121 -13.52 -22.28 -21.77
N ILE E 122 -12.84 -22.62 -20.68
CA ILE E 122 -13.38 -22.43 -19.34
C ILE E 122 -12.65 -21.28 -18.66
N TYR E 123 -11.33 -21.21 -18.86
CA TYR E 123 -10.39 -20.45 -18.01
C TYR E 123 -9.46 -19.53 -18.82
N LEU E 124 -9.48 -18.23 -18.50
CA LEU E 124 -8.55 -17.26 -19.09
C LEU E 124 -7.87 -16.47 -17.99
N ALA E 125 -6.62 -16.09 -18.22
CA ALA E 125 -5.83 -15.49 -17.17
C ALA E 125 -4.95 -14.35 -17.67
N PHE E 126 -4.70 -13.36 -16.82
CA PHE E 126 -3.80 -12.24 -17.06
C PHE E 126 -4.02 -11.57 -18.39
N GLN E 127 -3.00 -11.16 -19.14
CA GLN E 127 -3.25 -10.24 -20.25
C GLN E 127 -4.42 -10.73 -21.11
N GLY E 128 -4.37 -12.00 -21.49
CA GLY E 128 -5.39 -12.55 -22.37
C GLY E 128 -6.80 -12.42 -21.83
N ALA E 129 -6.93 -12.38 -20.50
CA ALA E 129 -8.25 -12.22 -19.89
C ALA E 129 -8.68 -10.76 -19.94
N GLN E 130 -7.73 -9.86 -19.79
CA GLN E 130 -8.04 -8.45 -19.89
C GLN E 130 -8.42 -8.10 -21.33
N ASP E 131 -7.72 -8.69 -22.30
CA ASP E 131 -8.05 -8.55 -23.73
C ASP E 131 -9.50 -8.97 -23.98
N PHE E 132 -9.87 -10.12 -23.41
CA PHE E 132 -11.20 -10.65 -23.59
C PHE E 132 -12.25 -9.65 -23.00
N ALA E 133 -11.97 -9.10 -21.83
CA ALA E 133 -12.86 -8.14 -21.19
C ALA E 133 -13.08 -6.92 -22.08
N LYS E 134 -11.99 -6.39 -22.63
CA LYS E 134 -12.03 -5.33 -23.62
C LYS E 134 -12.94 -5.71 -24.77
N GLN E 135 -12.67 -6.85 -25.39
CA GLN E 135 -13.45 -7.33 -26.54
C GLN E 135 -14.95 -7.37 -26.19
N GLN E 136 -15.29 -7.68 -24.94
CA GLN E 136 -16.69 -7.74 -24.51
C GLN E 136 -17.28 -6.44 -23.94
N GLY E 137 -16.46 -5.43 -23.71
CA GLY E 137 -16.95 -4.15 -23.20
C GLY E 137 -17.51 -4.15 -21.79
N VAL E 138 -17.02 -5.02 -20.90
CA VAL E 138 -17.47 -5.06 -19.49
C VAL E 138 -16.93 -3.82 -18.79
N GLU E 139 -17.54 -3.42 -17.68
CA GLU E 139 -17.03 -2.24 -17.03
C GLU E 139 -15.64 -2.55 -16.52
N THR E 140 -14.66 -1.80 -17.07
CA THR E 140 -13.30 -1.69 -16.52
C THR E 140 -13.17 -0.38 -15.79
N VAL E 141 -12.10 -0.25 -15.03
CA VAL E 141 -11.97 0.83 -14.05
C VAL E 141 -10.48 0.95 -13.70
N ASP E 142 -10.02 2.16 -13.41
CA ASP E 142 -8.64 2.41 -12.99
C ASP E 142 -8.31 1.53 -11.79
N SER E 143 -7.10 0.98 -11.78
CA SER E 143 -6.73 0.06 -10.72
C SER E 143 -6.87 0.67 -9.33
N SER E 144 -6.46 1.94 -9.17
CA SER E 144 -6.54 2.62 -7.88
C SER E 144 -7.93 2.48 -7.26
N HIS E 145 -8.96 2.41 -8.10
CA HIS E 145 -10.34 2.30 -7.65
C HIS E 145 -10.63 1.03 -6.84
N LEU E 146 -9.83 -0.01 -7.02
CA LEU E 146 -10.02 -1.28 -6.32
C LEU E 146 -9.35 -1.29 -4.94
N ILE E 147 -8.54 -0.27 -4.67
CA ILE E 147 -7.63 -0.28 -3.55
C ILE E 147 -8.24 0.40 -2.34
N THR E 148 -8.44 -0.33 -1.26
CA THR E 148 -8.82 0.31 -0.02
C THR E 148 -7.63 0.59 0.89
N ALA E 149 -7.77 1.64 1.69
CA ALA E 149 -6.80 1.97 2.72
C ALA E 149 -6.49 0.76 3.59
N GLU E 150 -7.53 0.06 4.04
CA GLU E 150 -7.35 -1.12 4.86
C GLU E 150 -6.36 -2.08 4.20
N ASN E 151 -6.51 -2.32 2.90
CA ASN E 151 -5.60 -3.22 2.16
C ASN E 151 -4.13 -2.76 2.01
N VAL E 152 -3.90 -1.46 1.81
CA VAL E 152 -2.54 -0.93 1.96
C VAL E 152 -1.97 -1.20 3.38
N GLU E 153 -2.75 -0.94 4.43
CA GLU E 153 -2.27 -1.18 5.81
C GLU E 153 -1.88 -2.66 6.07
N ARG E 154 -2.74 -3.61 5.71
CA ARG E 154 -2.41 -5.03 5.74
C ARG E 154 -1.11 -5.42 5.00
N LEU E 155 -1.01 -4.98 3.75
CA LEU E 155 0.20 -5.26 2.98
C LEU E 155 1.43 -4.85 3.78
N LYS E 156 1.46 -3.62 4.29
CA LYS E 156 2.61 -3.14 5.03
C LYS E 156 3.02 -4.08 6.16
N LEU E 157 2.07 -4.51 6.98
CA LEU E 157 2.42 -5.39 8.11
C LEU E 157 2.83 -6.76 7.60
N ALA E 158 2.22 -7.20 6.50
CA ALA E 158 2.57 -8.46 5.84
C ALA E 158 3.95 -8.37 5.20
N ILE E 159 4.23 -7.26 4.53
CA ILE E 159 5.54 -7.07 3.88
C ILE E 159 6.69 -6.96 4.91
N GLU E 160 6.51 -6.27 6.03
CA GLU E 160 7.63 -6.20 6.98
C GLU E 160 7.84 -7.61 7.58
N ALA E 161 6.74 -8.32 7.81
CA ALA E 161 6.78 -9.65 8.46
C ALA E 161 7.24 -10.83 7.56
N ASN E 162 7.41 -10.62 6.24
CA ASN E 162 7.55 -11.74 5.28
C ASN E 162 6.49 -12.80 5.47
N ARG E 163 5.24 -12.37 5.40
CA ARG E 163 4.07 -13.23 5.60
C ARG E 163 3.14 -13.13 4.37
N VAL E 164 2.56 -14.27 4.00
CA VAL E 164 1.47 -14.32 3.03
C VAL E 164 0.27 -14.57 3.90
N GLN E 165 -0.55 -13.54 4.00
CA GLN E 165 -1.55 -13.47 5.02
C GLN E 165 -2.91 -13.54 4.36
N VAL E 166 -3.78 -14.26 5.03
CA VAL E 166 -5.17 -14.21 4.69
C VAL E 166 -5.66 -12.83 5.13
N ASP E 167 -6.56 -12.24 4.36
CA ASP E 167 -7.09 -10.90 4.64
C ASP E 167 -7.46 -10.72 6.12
N TYR E 168 -8.18 -11.69 6.66
CA TYR E 168 -8.62 -11.66 8.06
C TYR E 168 -7.58 -12.36 8.91
N SER E 169 -6.81 -11.54 9.62
CA SER E 169 -5.60 -11.99 10.29
C SER E 169 -5.21 -11.00 11.37
N THR F 1 -12.16 -13.21 -0.29
CA THR F 1 -13.02 -14.15 -1.04
C THR F 1 -14.49 -13.88 -0.74
N VAL F 2 -15.32 -13.94 -1.80
CA VAL F 2 -16.78 -13.95 -1.63
C VAL F 2 -17.36 -15.04 -2.44
N GLY F 3 -18.61 -15.37 -2.16
CA GLY F 3 -19.25 -16.44 -2.90
C GLY F 3 -20.72 -16.60 -2.57
N CYS F 4 -21.41 -17.29 -3.46
CA CYS F 4 -22.82 -17.50 -3.35
C CYS F 4 -23.20 -18.82 -4.00
N VAL F 5 -23.95 -19.67 -3.29
CA VAL F 5 -24.46 -20.93 -3.83
C VAL F 5 -25.95 -20.84 -3.75
N ALA F 6 -26.64 -21.49 -4.68
CA ALA F 6 -28.06 -21.29 -4.81
C ALA F 6 -28.68 -22.45 -5.52
N VAL F 7 -29.90 -22.78 -5.09
CA VAL F 7 -30.71 -23.81 -5.68
C VAL F 7 -32.19 -23.35 -5.76
N ASP F 8 -32.88 -23.81 -6.82
CA ASP F 8 -34.32 -23.57 -6.99
C ASP F 8 -35.17 -24.75 -6.54
N SER F 9 -36.46 -24.65 -6.83
CA SER F 9 -37.45 -25.71 -6.57
C SER F 9 -37.19 -27.05 -7.26
N HIS F 10 -36.38 -27.04 -8.30
CA HIS F 10 -36.18 -28.24 -9.11
C HIS F 10 -34.82 -28.88 -8.91
N GLY F 11 -34.00 -28.34 -8.01
CA GLY F 11 -32.65 -28.85 -7.78
C GLY F 11 -31.61 -28.35 -8.78
N ASN F 12 -31.93 -27.31 -9.52
CA ASN F 12 -30.94 -26.68 -10.35
C ASN F 12 -29.97 -25.90 -9.45
N LEU F 13 -28.69 -26.27 -9.48
CA LEU F 13 -27.66 -25.79 -8.57
C LEU F 13 -26.67 -24.92 -9.29
N ALA F 14 -26.01 -24.04 -8.57
CA ALA F 14 -25.02 -23.17 -9.18
C ALA F 14 -24.09 -22.58 -8.15
N SER F 15 -22.88 -22.27 -8.58
CA SER F 15 -21.91 -21.70 -7.68
C SER F 15 -20.99 -20.67 -8.35
N ALA F 16 -20.61 -19.70 -7.52
CA ALA F 16 -19.75 -18.57 -7.90
C ALA F 16 -18.90 -18.16 -6.70
N THR F 17 -17.68 -17.77 -6.99
CA THR F 17 -16.69 -17.42 -5.97
C THR F 17 -15.78 -16.38 -6.57
N SER F 18 -15.47 -15.32 -5.82
CA SER F 18 -14.53 -14.31 -6.33
C SER F 18 -13.55 -13.88 -5.28
N THR F 19 -12.41 -13.37 -5.72
CA THR F 19 -11.41 -13.00 -4.75
C THR F 19 -10.24 -12.13 -5.24
N GLY F 20 -9.56 -11.49 -4.28
CA GLY F 20 -8.27 -10.83 -4.54
C GLY F 20 -7.11 -11.76 -4.22
N GLY F 21 -7.44 -12.86 -3.51
CA GLY F 21 -6.45 -13.85 -3.02
C GLY F 21 -5.95 -13.53 -1.62
N LEU F 22 -4.66 -13.77 -1.39
CA LEU F 22 -4.05 -13.51 -0.11
C LEU F 22 -3.19 -12.29 -0.23
N VAL F 23 -2.92 -11.73 0.94
CA VAL F 23 -2.15 -10.53 1.08
C VAL F 23 -0.71 -10.92 1.01
N ASN F 24 0.00 -10.23 0.11
CA ASN F 24 1.41 -10.37 -0.06
C ASN F 24 1.74 -11.62 -0.88
N LYS F 25 0.74 -12.13 -1.61
CA LYS F 25 1.00 -13.20 -2.57
C LYS F 25 2.04 -12.74 -3.57
N MET F 26 2.81 -13.70 -4.05
CA MET F 26 3.66 -13.46 -5.19
C MET F 26 2.81 -13.08 -6.41
N VAL F 27 3.30 -12.11 -7.16
CA VAL F 27 2.64 -11.68 -8.34
C VAL F 27 2.60 -12.88 -9.24
N GLY F 28 1.43 -13.15 -9.79
CA GLY F 28 1.24 -14.32 -10.62
C GLY F 28 0.54 -15.46 -9.91
N ARG F 29 0.41 -15.39 -8.59
CA ARG F 29 -0.10 -16.52 -7.80
C ARG F 29 -1.61 -16.75 -7.95
N ILE F 30 -1.95 -18.01 -8.17
CA ILE F 30 -3.29 -18.46 -8.43
C ILE F 30 -3.72 -19.35 -7.25
N GLY F 31 -4.83 -18.97 -6.61
CA GLY F 31 -5.42 -19.79 -5.56
C GLY F 31 -6.52 -20.76 -5.99
N ASP F 32 -7.45 -20.98 -5.08
CA ASP F 32 -8.45 -22.00 -5.29
C ASP F 32 -9.63 -21.45 -6.06
N THR F 33 -9.91 -20.19 -5.82
CA THR F 33 -11.11 -19.61 -6.36
C THR F 33 -11.30 -19.96 -7.84
N PRO F 34 -10.29 -19.74 -8.70
CA PRO F 34 -10.60 -19.99 -10.10
C PRO F 34 -10.54 -21.46 -10.50
N LEU F 35 -10.07 -22.34 -9.62
CA LEU F 35 -9.97 -23.77 -9.96
C LEU F 35 -11.31 -24.47 -9.72
N ILE F 36 -11.77 -25.18 -10.73
CA ILE F 36 -13.01 -25.95 -10.64
C ILE F 36 -12.76 -27.25 -9.85
N GLY F 37 -13.53 -27.46 -8.81
CA GLY F 37 -13.31 -28.63 -7.97
C GLY F 37 -12.55 -28.25 -6.71
N ALA F 38 -11.80 -27.13 -6.78
CA ALA F 38 -11.09 -26.58 -5.63
C ALA F 38 -11.99 -25.60 -4.90
N GLY F 39 -12.22 -24.43 -5.47
CA GLY F 39 -12.97 -23.37 -4.80
C GLY F 39 -14.46 -23.27 -5.13
N THR F 40 -14.79 -23.76 -6.33
CA THR F 40 -16.13 -23.69 -6.89
C THR F 40 -16.50 -24.99 -7.53
N TYR F 41 -17.70 -25.44 -7.28
CA TYR F 41 -18.16 -26.65 -7.94
C TYR F 41 -19.65 -26.70 -7.78
N ALA F 42 -20.33 -27.09 -8.84
CA ALA F 42 -21.73 -27.39 -8.72
C ALA F 42 -22.11 -28.58 -9.57
N ASN F 43 -23.13 -29.27 -9.06
CA ASN F 43 -23.46 -30.62 -9.48
C ASN F 43 -24.96 -30.78 -9.63
N GLU F 44 -25.39 -32.02 -9.77
CA GLU F 44 -26.78 -32.37 -9.71
C GLU F 44 -27.22 -32.54 -8.28
N LEU F 45 -26.23 -32.74 -7.40
CA LEU F 45 -26.42 -33.13 -6.00
C LEU F 45 -26.18 -31.96 -5.05
N CYS F 46 -25.25 -31.07 -5.43
CA CYS F 46 -24.89 -29.91 -4.63
C CYS F 46 -24.09 -28.88 -5.37
N ALA F 47 -23.95 -27.73 -4.72
CA ALA F 47 -23.07 -26.65 -5.19
C ALA F 47 -22.27 -26.19 -4.00
N VAL F 48 -21.00 -25.91 -4.21
CA VAL F 48 -20.12 -25.54 -3.11
C VAL F 48 -19.27 -24.33 -3.53
N SER F 49 -19.06 -23.43 -2.57
CA SER F 49 -18.13 -22.31 -2.72
C SER F 49 -17.24 -22.26 -1.49
N ALA F 50 -15.91 -22.34 -1.67
CA ALA F 50 -14.97 -22.46 -0.51
C ALA F 50 -14.20 -21.17 -0.24
N THR F 51 -13.55 -21.10 0.91
CA THR F 51 -12.73 -19.91 1.23
C THR F 51 -11.65 -20.16 2.31
N GLY F 52 -10.62 -19.32 2.29
CA GLY F 52 -9.49 -19.45 3.23
C GLY F 52 -8.12 -19.48 2.60
N LYS F 53 -7.25 -20.37 3.06
CA LYS F 53 -5.86 -20.43 2.57
C LYS F 53 -5.94 -21.19 1.25
N GLY F 54 -5.79 -20.46 0.14
CA GLY F 54 -5.98 -21.01 -1.21
C GLY F 54 -5.31 -22.36 -1.42
N GLU F 55 -4.01 -22.39 -1.16
CA GLU F 55 -3.22 -23.57 -1.45
C GLU F 55 -3.88 -24.76 -0.79
N GLU F 56 -4.28 -24.64 0.49
CA GLU F 56 -4.96 -25.75 1.21
C GLU F 56 -6.27 -26.21 0.59
N ILE F 57 -6.97 -25.31 -0.11
CA ILE F 57 -8.15 -25.71 -0.82
C ILE F 57 -7.85 -26.49 -2.12
N ILE F 58 -6.85 -26.04 -2.90
CA ILE F 58 -6.38 -26.78 -4.06
C ILE F 58 -6.02 -28.22 -3.63
N ARG F 59 -5.13 -28.31 -2.66
CA ARG F 59 -4.59 -29.58 -2.19
C ARG F 59 -5.70 -30.60 -1.83
N ALA F 60 -6.68 -30.19 -1.04
CA ALA F 60 -7.81 -31.06 -0.66
C ALA F 60 -9.01 -30.91 -1.63
N THR F 61 -8.83 -30.17 -2.73
CA THR F 61 -9.87 -30.14 -3.79
C THR F 61 -11.28 -30.09 -3.15
N VAL F 62 -11.45 -29.10 -2.30
CA VAL F 62 -12.56 -29.03 -1.36
C VAL F 62 -13.92 -29.18 -2.04
N ALA F 63 -14.21 -28.32 -3.03
CA ALA F 63 -15.54 -28.26 -3.64
C ALA F 63 -15.97 -29.56 -4.34
N ARG F 64 -15.00 -30.23 -4.96
CA ARG F 64 -15.31 -31.50 -5.60
C ARG F 64 -15.55 -32.60 -4.54
N ASP F 65 -14.67 -32.66 -3.54
CA ASP F 65 -14.71 -33.74 -2.52
C ASP F 65 -16.06 -33.86 -1.85
N VAL F 66 -16.65 -32.68 -1.56
CA VAL F 66 -17.98 -32.59 -0.97
C VAL F 66 -18.99 -33.29 -1.88
N ALA F 67 -19.03 -32.89 -3.14
CA ALA F 67 -19.92 -33.55 -4.07
C ALA F 67 -19.54 -35.04 -4.19
N ALA F 68 -18.24 -35.32 -4.13
CA ALA F 68 -17.78 -36.67 -4.34
C ALA F 68 -18.23 -37.57 -3.23
N LEU F 69 -18.18 -37.08 -2.01
CA LEU F 69 -18.50 -37.91 -0.82
C LEU F 69 -19.99 -38.18 -0.77
N MET F 70 -20.78 -37.19 -1.16
CA MET F 70 -22.22 -37.37 -1.25
C MET F 70 -22.59 -38.48 -2.23
N GLU F 71 -22.09 -38.38 -3.46
CA GLU F 71 -22.44 -39.36 -4.49
C GLU F 71 -21.86 -40.76 -4.20
N PHE F 72 -20.54 -40.86 -4.12
CA PHE F 72 -19.82 -42.13 -4.00
C PHE F 72 -20.03 -42.79 -2.64
N LYS F 73 -20.06 -42.05 -1.55
CA LYS F 73 -20.18 -42.67 -0.22
C LYS F 73 -21.62 -42.56 0.39
N GLY F 74 -22.53 -41.83 -0.25
CA GLY F 74 -23.92 -41.72 0.23
C GLY F 74 -24.09 -40.79 1.42
N LEU F 75 -23.03 -40.07 1.75
CA LEU F 75 -23.06 -39.08 2.80
C LEU F 75 -24.06 -37.95 2.53
N SER F 76 -24.58 -37.33 3.59
CA SER F 76 -25.44 -36.14 3.47
C SER F 76 -24.56 -34.91 3.23
N LEU F 77 -25.18 -33.85 2.70
CA LEU F 77 -24.50 -32.58 2.52
C LEU F 77 -23.76 -32.22 3.80
N LYS F 78 -24.46 -32.28 4.92
CA LYS F 78 -23.90 -31.89 6.21
C LYS F 78 -22.65 -32.75 6.46
N GLU F 79 -22.83 -34.08 6.57
CA GLU F 79 -21.73 -35.01 6.89
C GLU F 79 -20.51 -34.76 5.99
N ALA F 80 -20.74 -34.58 4.70
CA ALA F 80 -19.64 -34.44 3.71
C ALA F 80 -18.86 -33.14 3.86
N ALA F 81 -19.59 -32.04 4.03
CA ALA F 81 -18.98 -30.73 4.23
C ALA F 81 -18.27 -30.70 5.58
N ASP F 82 -18.84 -31.32 6.61
CA ASP F 82 -18.13 -31.40 7.90
C ASP F 82 -16.83 -32.20 7.80
N PHE F 83 -16.85 -33.27 7.02
CA PHE F 83 -15.72 -34.18 6.90
C PHE F 83 -14.55 -33.46 6.24
N VAL F 84 -14.86 -32.76 5.15
CA VAL F 84 -13.80 -32.11 4.36
C VAL F 84 -13.18 -31.03 5.24
N ILE F 85 -14.03 -30.21 5.85
CA ILE F 85 -13.58 -29.11 6.68
C ILE F 85 -12.89 -29.57 7.94
N HIS F 86 -13.58 -30.33 8.76
CA HIS F 86 -13.01 -30.62 10.05
C HIS F 86 -12.06 -31.81 10.07
N GLU F 87 -11.96 -32.58 8.99
CA GLU F 87 -11.10 -33.78 9.03
C GLU F 87 -10.11 -33.93 7.86
N ARG F 88 -10.06 -32.99 6.92
CA ARG F 88 -9.15 -33.12 5.78
C ARG F 88 -8.45 -31.80 5.41
N THR F 89 -8.47 -30.86 6.35
CA THR F 89 -7.89 -29.57 6.11
C THR F 89 -7.40 -29.05 7.44
N PRO F 90 -6.14 -28.56 7.48
CA PRO F 90 -5.56 -28.19 8.77
C PRO F 90 -6.38 -27.08 9.35
N LYS F 91 -6.52 -27.06 10.66
CA LYS F 91 -7.38 -26.08 11.26
C LYS F 91 -6.90 -24.68 10.90
N GLY F 92 -7.85 -23.77 10.74
CA GLY F 92 -7.53 -22.37 10.57
C GLY F 92 -7.29 -21.95 9.15
N THR F 93 -7.81 -22.71 8.17
CA THR F 93 -7.47 -22.47 6.77
C THR F 93 -8.65 -22.52 5.81
N VAL F 94 -9.80 -23.01 6.24
CA VAL F 94 -10.89 -23.21 5.28
C VAL F 94 -12.34 -23.09 5.85
N GLY F 95 -13.20 -22.41 5.12
CA GLY F 95 -14.63 -22.55 5.30
C GLY F 95 -15.29 -22.74 3.97
N LEU F 96 -16.52 -23.18 3.97
CA LEU F 96 -17.28 -23.28 2.75
C LEU F 96 -18.77 -23.12 3.03
N ILE F 97 -19.48 -22.66 2.01
CA ILE F 97 -20.92 -22.73 1.94
C ILE F 97 -21.35 -23.79 0.88
N ALA F 98 -22.45 -24.47 1.14
CA ALA F 98 -22.93 -25.48 0.21
C ALA F 98 -24.43 -25.65 0.31
N VAL F 99 -25.10 -25.84 -0.84
CA VAL F 99 -26.49 -26.33 -0.83
C VAL F 99 -26.65 -27.66 -1.58
N SER F 100 -27.58 -28.49 -1.11
CA SER F 100 -27.98 -29.71 -1.85
C SER F 100 -29.10 -29.40 -2.84
N ALA F 101 -29.35 -30.34 -3.73
CA ALA F 101 -30.43 -30.23 -4.70
C ALA F 101 -31.79 -30.12 -4.00
N ALA F 102 -31.93 -30.77 -2.86
CA ALA F 102 -33.19 -30.74 -2.11
C ALA F 102 -33.41 -29.48 -1.27
N GLY F 103 -32.44 -28.58 -1.20
CA GLY F 103 -32.61 -27.30 -0.49
C GLY F 103 -31.85 -27.16 0.83
N GLU F 104 -31.11 -28.21 1.22
CA GLU F 104 -30.33 -28.23 2.46
C GLU F 104 -29.15 -27.25 2.35
N ILE F 105 -28.70 -26.72 3.50
CA ILE F 105 -27.60 -25.71 3.56
C ILE F 105 -26.55 -26.09 4.59
N ALA F 106 -25.29 -26.12 4.19
CA ALA F 106 -24.17 -26.40 5.10
C ALA F 106 -23.13 -25.29 5.02
N MET F 107 -22.83 -24.70 6.17
CA MET F 107 -21.82 -23.65 6.20
C MET F 107 -20.67 -23.91 7.16
N PRO F 108 -20.08 -25.11 7.11
CA PRO F 108 -19.04 -25.37 8.07
C PRO F 108 -17.79 -24.60 7.71
N PHE F 109 -16.95 -24.40 8.71
CA PHE F 109 -15.65 -23.78 8.56
C PHE F 109 -14.80 -24.18 9.76
N ASN F 110 -13.50 -24.00 9.62
CA ASN F 110 -12.55 -24.39 10.64
C ASN F 110 -11.62 -23.21 11.01
N THR F 111 -11.77 -22.08 10.32
CA THR F 111 -11.18 -20.83 10.73
C THR F 111 -11.94 -20.29 11.93
N THR F 112 -11.41 -19.25 12.53
CA THR F 112 -11.97 -18.69 13.74
C THR F 112 -13.37 -18.12 13.48
N GLY F 113 -13.57 -17.59 12.28
CA GLY F 113 -14.86 -17.06 11.84
C GLY F 113 -15.06 -17.19 10.35
N MET F 114 -16.30 -16.97 9.91
CA MET F 114 -16.62 -16.82 8.45
C MET F 114 -17.86 -15.96 8.20
N PHE F 115 -17.67 -14.81 7.56
CA PHE F 115 -18.79 -13.96 7.17
C PHE F 115 -19.66 -14.84 6.25
N ARG F 116 -20.93 -14.99 6.62
CA ARG F 116 -21.82 -15.85 5.90
C ARG F 116 -23.26 -15.49 6.22
N ALA F 117 -24.13 -15.72 5.25
CA ALA F 117 -25.59 -15.63 5.39
C ALA F 117 -26.25 -16.73 4.59
N CYS F 118 -27.51 -17.00 4.88
CA CYS F 118 -28.26 -17.98 4.12
C CYS F 118 -29.78 -17.83 4.32
N ALA F 119 -30.55 -18.40 3.40
CA ALA F 119 -31.99 -18.31 3.46
C ALA F 119 -32.73 -19.41 2.68
N THR F 120 -33.95 -19.73 3.12
CA THR F 120 -34.85 -20.64 2.39
C THR F 120 -36.15 -19.96 2.06
N GLU F 121 -36.85 -20.49 1.04
CA GLU F 121 -38.19 -20.04 0.66
C GLU F 121 -39.15 -20.16 1.86
N ASP F 122 -39.03 -21.25 2.63
CA ASP F 122 -39.79 -21.47 3.88
C ASP F 122 -39.79 -20.30 4.90
N GLY F 123 -38.67 -19.60 5.05
CA GLY F 123 -38.59 -18.47 5.99
C GLY F 123 -37.31 -18.37 6.77
N TYR F 124 -36.50 -19.42 6.73
CA TYR F 124 -35.27 -19.44 7.48
C TYR F 124 -34.31 -18.40 6.94
N SER F 125 -33.52 -17.89 7.86
CA SER F 125 -32.55 -16.86 7.58
C SER F 125 -31.49 -16.89 8.67
N GLU F 126 -30.36 -16.28 8.35
CA GLU F 126 -29.25 -16.19 9.25
C GLU F 126 -28.18 -15.35 8.57
N ILE F 127 -27.76 -14.31 9.26
CA ILE F 127 -26.48 -13.68 9.01
C ILE F 127 -25.63 -14.20 10.14
N ALA F 128 -24.30 -14.16 10.02
CA ALA F 128 -23.42 -14.63 11.10
C ALA F 128 -21.95 -14.45 10.74
N ILE F 129 -21.11 -14.45 11.79
CA ILE F 129 -19.64 -14.36 11.67
C ILE F 129 -18.91 -15.54 12.38
N TRP F 130 -19.28 -15.87 13.62
CA TRP F 130 -18.49 -16.81 14.43
C TRP F 130 -19.25 -18.11 14.68
N PRO F 131 -18.52 -19.20 15.07
CA PRO F 131 -19.17 -20.49 15.32
C PRO F 131 -20.42 -20.32 16.18
N THR F 132 -21.49 -21.03 15.84
CA THR F 132 -22.82 -20.59 16.25
C THR F 132 -23.68 -21.51 17.12
N THR F 133 -25.01 -21.37 16.96
CA THR F 133 -26.08 -21.57 18.02
C THR F 133 -25.65 -21.69 19.48
N GLY G 5 8.56 -55.03 -3.07
CA GLY G 5 7.42 -55.71 -3.75
C GLY G 5 7.58 -55.37 -5.21
N GLY G 6 7.28 -54.15 -5.57
CA GLY G 6 7.58 -53.73 -6.92
C GLY G 6 7.22 -52.31 -7.21
N TRP G 7 8.14 -51.60 -7.87
CA TRP G 7 7.86 -50.32 -8.50
C TRP G 7 7.04 -50.57 -9.77
N SER G 8 6.37 -49.50 -10.21
CA SER G 8 5.63 -49.46 -11.46
C SER G 8 5.69 -48.02 -12.05
N ILE G 9 5.72 -47.91 -13.37
CA ILE G 9 5.71 -46.60 -14.00
C ILE G 9 4.82 -46.61 -15.22
N ALA G 10 4.16 -45.50 -15.45
CA ALA G 10 3.48 -45.22 -16.72
C ALA G 10 3.83 -43.80 -17.17
N LEU G 11 3.84 -43.61 -18.49
CA LEU G 11 4.02 -42.31 -19.09
C LEU G 11 3.18 -42.18 -20.35
N HIS G 12 2.95 -40.93 -20.77
CA HIS G 12 2.30 -40.72 -22.04
C HIS G 12 2.87 -39.50 -22.79
N GLY G 13 2.55 -39.42 -24.08
CA GLY G 13 2.87 -38.27 -24.89
C GLY G 13 1.66 -37.84 -25.68
N GLY G 14 0.50 -37.95 -25.04
CA GLY G 14 -0.73 -37.29 -25.49
C GLY G 14 -1.78 -38.21 -26.05
N ALA G 15 -3.05 -37.90 -25.77
CA ALA G 15 -4.19 -38.67 -26.29
C ALA G 15 -4.87 -37.81 -27.28
N GLY G 16 -5.45 -38.41 -28.33
CA GLY G 16 -6.18 -37.66 -29.33
C GLY G 16 -6.62 -38.55 -30.46
N ASP G 17 -7.13 -37.93 -31.53
CA ASP G 17 -7.46 -38.64 -32.74
C ASP G 17 -6.18 -38.88 -33.59
N ILE G 18 -5.42 -39.92 -33.21
CA ILE G 18 -4.18 -40.32 -33.89
C ILE G 18 -4.47 -41.38 -34.98
N PRO G 19 -4.36 -40.99 -36.27
CA PRO G 19 -4.80 -41.91 -37.33
C PRO G 19 -4.08 -43.25 -37.38
N PHE G 20 -4.86 -44.33 -37.49
CA PHE G 20 -4.32 -45.68 -37.73
C PHE G 20 -3.24 -45.73 -38.81
N SER G 21 -3.40 -44.88 -39.83
CA SER G 21 -2.46 -44.87 -40.96
C SER G 21 -1.36 -43.83 -40.77
N LEU G 22 -0.91 -43.63 -39.52
CA LEU G 22 0.14 -42.68 -39.22
C LEU G 22 1.42 -43.07 -39.96
N PRO G 23 1.96 -42.15 -40.79
CA PRO G 23 3.17 -42.47 -41.57
C PRO G 23 4.37 -42.82 -40.68
N PRO G 24 5.34 -43.59 -41.21
CA PRO G 24 6.51 -43.97 -40.40
C PRO G 24 7.30 -42.78 -39.83
N GLU G 25 7.55 -41.76 -40.66
CA GLU G 25 8.33 -40.57 -40.24
C GLU G 25 7.65 -39.68 -39.19
N ARG G 26 6.40 -40.00 -38.87
CA ARG G 26 5.74 -39.39 -37.74
C ARG G 26 5.48 -40.40 -36.62
N ARG G 27 5.36 -41.67 -36.98
CA ARG G 27 5.12 -42.74 -36.01
C ARG G 27 6.37 -43.15 -35.23
N LYS G 28 7.44 -43.50 -35.95
CA LYS G 28 8.68 -43.95 -35.30
C LYS G 28 9.37 -42.94 -34.33
N PRO G 29 9.55 -41.68 -34.73
CA PRO G 29 10.15 -40.71 -33.79
C PRO G 29 9.41 -40.55 -32.43
N ARG G 30 8.11 -40.79 -32.44
CA ARG G 30 7.29 -40.78 -31.24
C ARG G 30 7.37 -42.09 -30.46
N GLU G 31 7.37 -43.21 -31.17
CA GLU G 31 7.56 -44.52 -30.53
C GLU G 31 8.93 -44.59 -29.84
N GLU G 32 9.94 -43.95 -30.46
CA GLU G 32 11.30 -43.91 -29.94
C GLU G 32 11.41 -42.95 -28.76
N GLY G 33 10.65 -41.86 -28.83
CA GLY G 33 10.54 -40.94 -27.72
C GLY G 33 10.03 -41.70 -26.52
N LEU G 34 8.93 -42.43 -26.70
CA LEU G 34 8.32 -43.19 -25.60
C LEU G 34 9.24 -44.26 -25.03
N ARG G 35 10.03 -44.88 -25.92
CA ARG G 35 10.99 -45.90 -25.48
C ARG G 35 12.12 -45.31 -24.67
N HIS G 36 12.73 -44.25 -25.17
CA HIS G 36 13.86 -43.59 -24.50
C HIS G 36 13.45 -43.13 -23.11
N CYS G 37 12.23 -42.61 -22.98
CA CYS G 37 11.79 -42.00 -21.73
C CYS G 37 11.40 -43.03 -20.70
N LEU G 38 10.73 -44.10 -21.14
CA LEU G 38 10.50 -45.29 -20.29
C LEU G 38 11.79 -45.83 -19.69
N GLN G 39 12.86 -45.88 -20.50
CA GLN G 39 14.18 -46.39 -20.07
C GLN G 39 14.78 -45.48 -19.00
N ILE G 40 14.57 -44.17 -19.19
CA ILE G 40 15.09 -43.16 -18.28
C ILE G 40 14.38 -43.30 -16.94
N GLY G 41 13.07 -43.53 -16.99
CA GLY G 41 12.28 -43.73 -15.79
C GLY G 41 12.55 -45.04 -15.07
N VAL G 42 12.63 -46.11 -15.84
CA VAL G 42 12.95 -47.43 -15.28
C VAL G 42 14.31 -47.39 -14.59
N GLU G 43 15.33 -46.88 -15.27
CA GLU G 43 16.67 -46.74 -14.68
C GLU G 43 16.61 -45.93 -13.37
N ALA G 44 15.90 -44.81 -13.36
CA ALA G 44 15.72 -44.00 -12.14
C ALA G 44 15.13 -44.79 -10.98
N LEU G 45 14.05 -45.54 -11.26
CA LEU G 45 13.35 -46.36 -10.22
C LEU G 45 14.17 -47.52 -9.68
N LYS G 46 14.88 -48.22 -10.56
CA LYS G 46 15.88 -49.22 -10.15
C LYS G 46 16.86 -48.61 -9.17
N ALA G 47 17.34 -47.40 -9.46
CA ALA G 47 18.28 -46.69 -8.57
C ALA G 47 17.55 -46.15 -7.34
N GLN G 48 16.25 -46.47 -7.25
CA GLN G 48 15.45 -46.10 -6.12
C GLN G 48 15.49 -44.56 -5.85
N LYS G 49 15.50 -43.76 -6.90
CA LYS G 49 15.22 -42.33 -6.76
C LYS G 49 13.77 -42.17 -6.31
N PRO G 50 13.48 -41.07 -5.58
CA PRO G 50 12.10 -40.87 -5.16
C PRO G 50 11.21 -40.68 -6.37
N PRO G 51 9.99 -41.26 -6.34
CA PRO G 51 8.92 -41.06 -7.32
C PRO G 51 8.70 -39.60 -7.77
N LEU G 52 8.76 -38.66 -6.86
CA LEU G 52 8.64 -37.26 -7.23
C LEU G 52 9.74 -36.83 -8.24
N ASP G 53 10.99 -37.15 -7.92
CA ASP G 53 12.12 -36.89 -8.83
C ASP G 53 11.96 -37.63 -10.15
N VAL G 54 11.47 -38.87 -10.09
CA VAL G 54 11.33 -39.66 -11.28
C VAL G 54 10.31 -39.05 -12.23
N VAL G 55 9.16 -38.64 -11.74
CA VAL G 55 8.16 -38.07 -12.65
C VAL G 55 8.61 -36.70 -13.25
N GLU G 56 9.38 -35.91 -12.51
CA GLU G 56 9.96 -34.70 -13.08
C GLU G 56 10.97 -35.05 -14.18
N LEU G 57 11.91 -35.91 -13.82
CA LEU G 57 12.94 -36.37 -14.74
C LEU G 57 12.35 -36.87 -16.09
N VAL G 58 11.34 -37.72 -16.00
CA VAL G 58 10.68 -38.32 -17.15
C VAL G 58 9.87 -37.31 -17.95
N VAL G 59 9.18 -36.39 -17.29
CA VAL G 59 8.46 -35.33 -18.00
C VAL G 59 9.46 -34.35 -18.67
N ARG G 60 10.60 -34.08 -18.03
CA ARG G 60 11.62 -33.28 -18.67
C ARG G 60 12.05 -33.88 -20.02
N GLU G 61 12.30 -35.19 -20.09
CA GLU G 61 12.76 -35.79 -21.34
C GLU G 61 11.62 -35.82 -22.36
N LEU G 62 10.40 -36.06 -21.89
CA LEU G 62 9.23 -36.00 -22.73
C LEU G 62 9.05 -34.59 -23.32
N GLU G 63 9.30 -33.55 -22.52
CA GLU G 63 9.34 -32.17 -23.01
C GLU G 63 10.37 -31.96 -24.11
N ASN G 64 11.59 -32.39 -23.84
CA ASN G 64 12.72 -32.23 -24.75
C ASN G 64 12.57 -32.94 -26.13
N ILE G 65 11.62 -33.87 -26.23
CA ILE G 65 11.29 -34.52 -27.49
C ILE G 65 10.37 -33.61 -28.29
N GLU G 66 10.84 -33.17 -29.45
CA GLU G 66 10.16 -32.11 -30.19
C GLU G 66 8.82 -32.55 -30.79
N HIS G 67 8.55 -33.85 -30.77
CA HIS G 67 7.38 -34.43 -31.43
C HIS G 67 6.20 -34.54 -30.48
N PHE G 68 6.39 -34.11 -29.24
CA PHE G 68 5.34 -34.12 -28.25
C PHE G 68 4.95 -32.71 -27.77
N ASN G 69 3.65 -32.51 -27.58
CA ASN G 69 3.08 -31.19 -27.24
C ASN G 69 3.30 -30.75 -25.77
N ALA G 70 4.54 -30.35 -25.49
CA ALA G 70 5.04 -30.02 -24.15
C ALA G 70 6.48 -29.54 -24.36
N GLY G 71 6.92 -28.58 -23.55
CA GLY G 71 8.21 -27.93 -23.78
C GLY G 71 8.46 -27.53 -25.23
N ILE G 72 9.60 -27.94 -25.76
CA ILE G 72 9.93 -27.67 -27.15
C ILE G 72 9.07 -28.60 -28.00
N GLY G 73 8.22 -28.05 -28.87
CA GLY G 73 7.22 -28.83 -29.61
C GLY G 73 5.81 -28.52 -29.14
N SER G 74 5.68 -27.68 -28.12
CA SER G 74 4.41 -27.10 -27.70
C SER G 74 3.64 -26.49 -28.87
N VAL G 75 2.32 -26.66 -28.87
CA VAL G 75 1.43 -26.08 -29.90
C VAL G 75 1.29 -24.58 -29.70
N LEU G 76 0.63 -23.91 -30.63
CA LEU G 76 0.61 -22.47 -30.67
C LEU G 76 -0.76 -21.91 -30.39
N THR G 77 -0.75 -20.70 -29.83
CA THR G 77 -1.97 -19.94 -29.60
C THR G 77 -2.49 -19.45 -30.94
N ASN G 78 -3.66 -18.82 -30.91
CA ASN G 78 -4.13 -18.03 -32.01
C ASN G 78 -3.15 -16.92 -32.44
N SER G 79 -2.22 -16.51 -31.60
CA SER G 79 -1.22 -15.50 -31.99
C SER G 79 0.07 -16.05 -32.60
N GLY G 80 0.15 -17.37 -32.73
CA GLY G 80 1.36 -18.02 -33.17
C GLY G 80 2.42 -18.02 -32.09
N THR G 81 2.00 -17.92 -30.84
CA THR G 81 2.90 -17.91 -29.70
C THR G 81 2.80 -19.19 -28.85
N VAL G 82 3.77 -19.34 -27.94
CA VAL G 82 3.90 -20.51 -27.06
C VAL G 82 3.52 -20.12 -25.65
N GLU G 83 2.57 -20.86 -25.06
CA GLU G 83 2.24 -20.70 -23.65
C GLU G 83 2.10 -22.08 -23.00
N MET G 84 3.09 -22.47 -22.19
CA MET G 84 3.18 -23.81 -21.65
C MET G 84 2.72 -23.94 -20.16
N GLU G 85 2.17 -25.08 -19.79
CA GLU G 85 1.72 -25.27 -18.41
C GLU G 85 2.13 -26.64 -17.96
N ALA G 86 2.27 -26.79 -16.64
CA ALA G 86 2.65 -28.07 -16.06
C ALA G 86 2.19 -28.13 -14.65
N SER G 87 2.19 -29.35 -14.11
CA SER G 87 1.80 -29.61 -12.71
C SER G 87 2.43 -30.90 -12.24
N ILE G 88 2.71 -30.94 -10.94
CA ILE G 88 3.43 -32.03 -10.33
C ILE G 88 2.91 -32.14 -8.92
N MET G 89 2.84 -33.35 -8.41
CA MET G 89 2.30 -33.62 -7.10
C MET G 89 2.89 -34.90 -6.53
N ASP G 90 3.19 -34.88 -5.24
CA ASP G 90 3.68 -36.05 -4.53
C ASP G 90 2.57 -36.53 -3.57
N GLY G 91 2.26 -37.81 -3.64
CA GLY G 91 1.12 -38.35 -2.92
C GLY G 91 1.42 -38.69 -1.47
N ASN G 92 2.69 -38.93 -1.14
CA ASN G 92 3.01 -39.24 0.22
C ASN G 92 2.92 -37.99 1.11
N THR G 93 3.12 -36.80 0.54
CA THR G 93 3.10 -35.53 1.27
C THR G 93 1.91 -34.62 0.94
N MET G 94 1.19 -34.88 -0.15
CA MET G 94 0.19 -33.95 -0.75
C MET G 94 0.79 -32.61 -1.28
N LYS G 95 2.11 -32.53 -1.44
CA LYS G 95 2.74 -31.31 -1.98
C LYS G 95 2.46 -31.15 -3.45
N CYS G 96 2.21 -29.92 -3.88
CA CYS G 96 1.86 -29.59 -5.25
C CYS G 96 2.66 -28.43 -5.83
N GLY G 97 2.74 -28.39 -7.16
CA GLY G 97 3.36 -27.31 -7.88
C GLY G 97 2.77 -27.17 -9.29
N ALA G 98 2.53 -25.95 -9.74
CA ALA G 98 2.04 -25.75 -11.09
C ALA G 98 2.45 -24.41 -11.68
N VAL G 99 2.51 -24.38 -13.01
CA VAL G 99 2.83 -23.16 -13.76
C VAL G 99 1.92 -23.03 -14.98
N SER G 100 1.72 -21.80 -15.46
CA SER G 100 1.00 -21.55 -16.71
C SER G 100 1.62 -20.38 -17.42
N GLY G 101 1.39 -20.29 -18.73
CA GLY G 101 1.84 -19.14 -19.51
C GLY G 101 3.34 -19.00 -19.60
N LEU G 102 4.05 -20.11 -19.68
CA LEU G 102 5.47 -20.05 -19.93
C LEU G 102 5.76 -19.96 -21.44
N SER G 103 6.72 -19.11 -21.81
CA SER G 103 7.11 -18.95 -23.24
C SER G 103 8.58 -19.17 -23.57
N THR G 104 9.44 -18.97 -22.59
CA THR G 104 10.87 -19.04 -22.78
C THR G 104 11.52 -20.14 -21.95
N VAL G 105 10.77 -20.76 -21.05
CA VAL G 105 11.39 -21.70 -20.14
C VAL G 105 11.35 -23.12 -20.69
N LEU G 106 12.53 -23.73 -20.81
CA LEU G 106 12.74 -25.02 -21.48
C LEU G 106 12.00 -26.19 -20.81
N ASN G 107 12.07 -26.29 -19.48
CA ASN G 107 11.45 -27.41 -18.77
C ASN G 107 10.41 -26.91 -17.78
N PRO G 108 9.19 -26.62 -18.26
CA PRO G 108 8.12 -26.18 -17.38
C PRO G 108 7.91 -27.06 -16.14
N ILE G 109 7.92 -28.38 -16.31
CA ILE G 109 7.68 -29.25 -15.16
C ILE G 109 8.62 -28.91 -14.01
N SER G 110 9.90 -28.67 -14.33
CA SER G 110 10.88 -28.32 -13.30
C SER G 110 10.60 -26.97 -12.61
N LEU G 111 9.97 -26.04 -13.30
CA LEU G 111 9.59 -24.80 -12.65
C LEU G 111 8.45 -25.11 -11.68
N ALA G 112 7.51 -25.94 -12.10
CA ALA G 112 6.43 -26.35 -11.21
C ALA G 112 7.00 -27.02 -9.95
N ARG G 113 8.03 -27.86 -10.09
CA ARG G 113 8.70 -28.43 -8.90
C ARG G 113 9.23 -27.29 -7.97
N LEU G 114 9.86 -26.28 -8.56
CA LEU G 114 10.40 -25.14 -7.79
C LEU G 114 9.37 -24.27 -7.00
N VAL G 115 8.14 -24.15 -7.51
CA VAL G 115 7.08 -23.40 -6.81
C VAL G 115 6.68 -24.17 -5.56
N MET G 116 6.49 -25.46 -5.79
CA MET G 116 6.29 -26.43 -4.73
C MET G 116 7.35 -26.30 -3.65
N ASP G 117 8.62 -26.33 -4.04
CA ASP G 117 9.68 -26.49 -3.08
C ASP G 117 10.16 -25.19 -2.50
N LYS G 118 10.20 -24.14 -3.33
CA LYS G 118 10.90 -22.87 -2.97
C LYS G 118 9.97 -21.67 -2.67
N THR G 119 8.67 -21.85 -2.77
CA THR G 119 7.67 -20.78 -2.72
C THR G 119 6.56 -21.28 -1.79
N PRO G 120 5.83 -20.38 -1.09
CA PRO G 120 4.69 -20.82 -0.27
C PRO G 120 3.38 -21.06 -1.04
N HIS G 121 3.43 -21.10 -2.36
CA HIS G 121 2.26 -21.23 -3.17
C HIS G 121 2.39 -22.53 -3.95
N ILE G 122 1.31 -22.95 -4.59
CA ILE G 122 1.27 -24.10 -5.49
C ILE G 122 1.42 -23.68 -6.98
N TYR G 123 0.92 -22.47 -7.31
CA TYR G 123 0.65 -22.14 -8.68
C TYR G 123 0.98 -20.69 -9.03
N LEU G 124 1.93 -20.49 -9.94
CA LEU G 124 2.20 -19.20 -10.57
C LEU G 124 2.00 -19.31 -12.07
N ALA G 125 1.72 -18.17 -12.68
CA ALA G 125 1.33 -18.13 -14.08
C ALA G 125 1.75 -16.82 -14.75
N PHE G 126 1.92 -16.89 -16.08
CA PHE G 126 2.28 -15.75 -16.92
C PHE G 126 3.46 -14.93 -16.37
N GLN G 127 3.38 -13.61 -16.41
CA GLN G 127 4.60 -12.84 -16.22
C GLN G 127 5.29 -13.20 -14.90
N GLY G 128 4.48 -13.47 -13.88
CA GLY G 128 4.95 -13.82 -12.53
C GLY G 128 5.70 -15.13 -12.48
N ALA G 129 5.20 -16.14 -13.15
CA ALA G 129 5.95 -17.34 -13.32
C ALA G 129 7.24 -17.08 -14.12
N GLN G 130 7.21 -16.17 -15.08
CA GLN G 130 8.43 -15.93 -15.82
C GLN G 130 9.48 -15.26 -14.93
N ASP G 131 9.04 -14.35 -14.05
CA ASP G 131 9.92 -13.66 -13.10
C ASP G 131 10.57 -14.68 -12.16
N PHE G 132 9.77 -15.59 -11.64
CA PHE G 132 10.23 -16.64 -10.75
C PHE G 132 11.24 -17.56 -11.46
N ALA G 133 10.96 -17.90 -12.71
CA ALA G 133 11.94 -18.64 -13.49
C ALA G 133 13.27 -17.94 -13.44
N LYS G 134 13.24 -16.63 -13.59
CA LYS G 134 14.47 -15.83 -13.61
C LYS G 134 15.20 -15.79 -12.25
N GLN G 135 14.50 -15.55 -11.13
CA GLN G 135 15.21 -15.56 -9.83
C GLN G 135 15.85 -16.94 -9.67
N GLN G 136 15.14 -17.99 -10.09
CA GLN G 136 15.57 -19.38 -9.95
C GLN G 136 16.75 -19.81 -10.80
N GLY G 137 17.06 -19.00 -11.83
CA GLY G 137 18.13 -19.28 -12.77
C GLY G 137 17.94 -20.50 -13.68
N VAL G 138 16.71 -20.86 -14.01
CA VAL G 138 16.50 -22.07 -14.84
C VAL G 138 16.76 -21.81 -16.33
N GLU G 139 16.98 -22.89 -17.09
CA GLU G 139 17.30 -22.76 -18.50
C GLU G 139 16.13 -22.10 -19.23
N THR G 140 16.40 -20.90 -19.72
CA THR G 140 15.50 -20.22 -20.62
C THR G 140 16.20 -20.13 -21.95
N VAL G 141 15.58 -20.70 -22.97
CA VAL G 141 15.89 -20.38 -24.38
C VAL G 141 15.00 -19.20 -24.81
N ASP G 142 15.20 -18.67 -26.00
CA ASP G 142 14.18 -17.76 -26.52
C ASP G 142 13.17 -18.53 -27.42
N SER G 143 12.00 -17.92 -27.61
CA SER G 143 10.76 -18.69 -27.83
C SER G 143 10.64 -19.33 -29.19
N SER G 144 11.29 -18.72 -30.19
CA SER G 144 11.41 -19.31 -31.52
C SER G 144 11.97 -20.73 -31.54
N HIS G 145 12.98 -21.00 -30.72
CA HIS G 145 13.55 -22.34 -30.54
C HIS G 145 12.55 -23.40 -30.01
N LEU G 146 11.41 -22.99 -29.48
CA LEU G 146 10.39 -23.94 -29.04
C LEU G 146 9.40 -24.28 -30.16
N ILE G 147 9.34 -23.43 -31.17
CA ILE G 147 8.33 -23.53 -32.23
C ILE G 147 8.81 -24.43 -33.38
N THR G 148 8.19 -25.59 -33.52
CA THR G 148 8.48 -26.49 -34.67
C THR G 148 7.71 -26.01 -35.90
N ALA G 149 8.29 -26.23 -37.07
CA ALA G 149 7.67 -25.89 -38.35
C ALA G 149 6.36 -26.65 -38.52
N GLU G 150 6.29 -27.86 -37.96
CA GLU G 150 5.06 -28.62 -37.99
C GLU G 150 3.96 -27.82 -37.29
N ASN G 151 4.21 -27.39 -36.05
CA ASN G 151 3.19 -26.64 -35.28
C ASN G 151 2.74 -25.32 -35.93
N VAL G 152 3.62 -24.67 -36.71
CA VAL G 152 3.27 -23.43 -37.41
C VAL G 152 2.19 -23.70 -38.47
N GLU G 153 2.37 -24.79 -39.23
CA GLU G 153 1.39 -25.23 -40.21
C GLU G 153 0.13 -25.78 -39.53
N ARG G 154 0.28 -26.44 -38.38
CA ARG G 154 -0.88 -26.90 -37.59
C ARG G 154 -1.84 -25.76 -37.27
N LEU G 155 -1.26 -24.60 -36.92
CA LEU G 155 -2.01 -23.42 -36.54
C LEU G 155 -2.68 -22.78 -37.75
N LYS G 156 -1.89 -22.55 -38.80
CA LYS G 156 -2.43 -21.94 -39.99
C LYS G 156 -3.63 -22.79 -40.45
N LEU G 157 -3.43 -24.10 -40.49
CA LEU G 157 -4.48 -25.02 -40.92
C LEU G 157 -5.71 -24.89 -40.02
N ALA G 158 -5.49 -24.89 -38.70
CA ALA G 158 -6.58 -24.71 -37.73
C ALA G 158 -7.31 -23.37 -37.86
N ILE G 159 -6.58 -22.26 -38.08
CA ILE G 159 -7.25 -20.97 -38.27
C ILE G 159 -8.18 -21.01 -39.51
N GLU G 160 -7.66 -21.42 -40.67
CA GLU G 160 -8.49 -21.52 -41.88
C GLU G 160 -9.70 -22.46 -41.69
N ALA G 161 -9.43 -23.63 -41.12
CA ALA G 161 -10.45 -24.68 -40.93
C ALA G 161 -11.66 -24.14 -40.20
N ASN G 162 -11.39 -23.55 -39.04
CA ASN G 162 -12.43 -23.21 -38.06
C ASN G 162 -13.77 -23.98 -38.21
N THR H 1 0.44 -32.80 -24.84
CA THR H 1 0.53 -33.14 -23.42
C THR H 1 1.43 -34.35 -23.22
N VAL H 2 2.21 -34.33 -22.15
CA VAL H 2 3.04 -35.47 -21.81
C VAL H 2 2.82 -35.66 -20.34
N GLY H 3 3.12 -36.86 -19.84
CA GLY H 3 2.97 -37.14 -18.42
C GLY H 3 3.66 -38.40 -17.96
N CYS H 4 3.99 -38.44 -16.68
CA CYS H 4 4.49 -39.64 -16.05
C CYS H 4 3.89 -39.86 -14.68
N VAL H 5 3.62 -41.11 -14.35
CA VAL H 5 3.20 -41.44 -13.02
C VAL H 5 4.15 -42.53 -12.56
N ALA H 6 4.47 -42.53 -11.27
CA ALA H 6 5.40 -43.49 -10.72
C ALA H 6 4.98 -43.90 -9.31
N VAL H 7 5.29 -45.13 -8.95
CA VAL H 7 5.14 -45.61 -7.59
C VAL H 7 6.31 -46.52 -7.25
N ASP H 8 6.92 -46.30 -6.09
CA ASP H 8 7.96 -47.18 -5.63
C ASP H 8 7.36 -48.45 -4.97
N SER H 9 8.21 -49.35 -4.50
CA SER H 9 7.70 -50.59 -3.90
C SER H 9 7.09 -50.38 -2.48
N HIS H 10 7.03 -49.14 -1.99
CA HIS H 10 6.45 -48.84 -0.66
C HIS H 10 5.20 -48.00 -0.83
N GLY H 11 4.73 -47.85 -2.06
CA GLY H 11 3.46 -47.17 -2.30
C GLY H 11 3.49 -45.66 -2.23
N ASN H 12 4.69 -45.10 -2.31
CA ASN H 12 4.89 -43.66 -2.46
C ASN H 12 4.58 -43.28 -3.91
N LEU H 13 3.57 -42.45 -4.12
CA LEU H 13 3.05 -42.19 -5.47
C LEU H 13 3.45 -40.77 -5.93
N ALA H 14 3.51 -40.55 -7.25
CA ALA H 14 3.71 -39.21 -7.81
C ALA H 14 3.20 -39.11 -9.24
N SER H 15 2.84 -37.90 -9.64
CA SER H 15 2.35 -37.65 -10.98
C SER H 15 2.89 -36.34 -11.44
N ALA H 16 3.13 -36.27 -12.75
CA ALA H 16 3.58 -35.05 -13.41
C ALA H 16 3.00 -34.99 -14.80
N THR H 17 2.62 -33.80 -15.24
CA THR H 17 1.98 -33.62 -16.53
C THR H 17 2.47 -32.27 -17.08
N SER H 18 2.67 -32.19 -18.40
CA SER H 18 3.18 -30.99 -19.00
C SER H 18 2.67 -30.89 -20.40
N THR H 19 2.23 -29.69 -20.77
CA THR H 19 1.71 -29.42 -22.12
C THR H 19 2.02 -28.04 -22.74
N GLY H 20 1.77 -27.96 -24.04
CA GLY H 20 1.60 -26.66 -24.74
C GLY H 20 0.12 -26.29 -24.88
N GLY H 21 -0.74 -27.27 -24.67
CA GLY H 21 -2.19 -27.04 -24.55
C GLY H 21 -2.87 -27.36 -25.86
N LEU H 22 -3.73 -26.44 -26.31
CA LEU H 22 -4.56 -26.62 -27.49
C LEU H 22 -4.18 -25.68 -28.64
N VAL H 23 -3.94 -26.27 -29.79
CA VAL H 23 -3.64 -25.54 -31.02
C VAL H 23 -4.76 -24.54 -31.30
N ASN H 24 -4.37 -23.30 -31.56
CA ASN H 24 -5.29 -22.15 -31.84
C ASN H 24 -6.01 -21.55 -30.61
N LYS H 25 -5.73 -22.04 -29.40
CA LYS H 25 -6.35 -21.52 -28.18
C LYS H 25 -6.17 -20.00 -28.05
N MET H 26 -7.15 -19.31 -27.46
CA MET H 26 -7.05 -17.88 -27.27
C MET H 26 -5.80 -17.64 -26.42
N VAL H 27 -5.13 -16.49 -26.58
CA VAL H 27 -3.99 -16.18 -25.70
C VAL H 27 -4.48 -16.14 -24.24
N GLY H 28 -3.74 -16.78 -23.35
CA GLY H 28 -4.09 -16.81 -21.95
C GLY H 28 -4.99 -17.97 -21.49
N ARG H 29 -5.43 -18.81 -22.43
CA ARG H 29 -6.23 -19.96 -22.03
C ARG H 29 -5.40 -20.98 -21.24
N ILE H 30 -6.01 -21.41 -20.14
CA ILE H 30 -5.51 -22.43 -19.27
C ILE H 30 -6.42 -23.66 -19.40
N GLY H 31 -5.79 -24.83 -19.58
CA GLY H 31 -6.49 -26.12 -19.56
C GLY H 31 -6.37 -26.91 -18.26
N ASP H 32 -6.36 -28.23 -18.36
CA ASP H 32 -6.37 -29.12 -17.21
C ASP H 32 -4.98 -29.43 -16.64
N THR H 33 -4.00 -29.54 -17.52
CA THR H 33 -2.65 -29.89 -17.11
C THR H 33 -2.17 -29.19 -15.82
N PRO H 34 -2.33 -27.87 -15.67
CA PRO H 34 -1.80 -27.29 -14.44
C PRO H 34 -2.76 -27.28 -13.27
N LEU H 35 -3.93 -27.91 -13.41
CA LEU H 35 -4.94 -27.90 -12.35
C LEU H 35 -4.93 -29.16 -11.45
N ILE H 36 -4.45 -29.05 -10.22
CA ILE H 36 -4.42 -30.20 -9.30
C ILE H 36 -5.84 -30.76 -9.21
N GLY H 37 -6.02 -32.06 -9.46
CA GLY H 37 -7.34 -32.68 -9.45
C GLY H 37 -7.98 -32.90 -10.82
N ALA H 38 -7.43 -32.24 -11.86
CA ALA H 38 -7.95 -32.41 -13.22
C ALA H 38 -6.95 -33.16 -14.05
N GLY H 39 -5.88 -32.48 -14.42
CA GLY H 39 -4.86 -33.12 -15.23
C GLY H 39 -3.85 -33.97 -14.50
N THR H 40 -3.78 -33.82 -13.18
CA THR H 40 -2.70 -34.32 -12.32
C THR H 40 -3.19 -34.46 -10.90
N TYR H 41 -3.00 -35.63 -10.31
CA TYR H 41 -3.33 -35.88 -8.92
C TYR H 41 -2.60 -37.16 -8.45
N ALA H 42 -2.03 -37.08 -7.25
CA ALA H 42 -1.45 -38.23 -6.60
C ALA H 42 -1.84 -38.24 -5.14
N ASN H 43 -1.80 -39.42 -4.54
CA ASN H 43 -2.44 -39.72 -3.28
C ASN H 43 -1.68 -40.77 -2.47
N GLU H 44 -2.22 -41.09 -1.29
CA GLU H 44 -1.94 -42.40 -0.68
C GLU H 44 -2.36 -43.58 -1.61
N LEU H 45 -3.48 -43.44 -2.32
CA LEU H 45 -4.06 -44.53 -3.14
C LEU H 45 -3.60 -44.62 -4.60
N CYS H 46 -3.48 -43.48 -5.29
CA CYS H 46 -3.01 -43.52 -6.64
C CYS H 46 -2.41 -42.21 -7.15
N ALA H 47 -1.87 -42.30 -8.37
CA ALA H 47 -1.31 -41.18 -9.09
C ALA H 47 -1.88 -41.20 -10.53
N VAL H 48 -2.35 -40.05 -11.00
CA VAL H 48 -3.03 -39.93 -12.30
C VAL H 48 -2.53 -38.71 -13.06
N SER H 49 -2.44 -38.86 -14.38
CA SER H 49 -2.11 -37.79 -15.31
C SER H 49 -2.95 -38.01 -16.56
N ALA H 50 -3.76 -37.02 -16.89
CA ALA H 50 -4.67 -37.13 -18.03
C ALA H 50 -4.24 -36.23 -19.20
N THR H 51 -5.07 -36.22 -20.24
CA THR H 51 -4.75 -35.55 -21.50
C THR H 51 -5.88 -35.77 -22.50
N GLY H 52 -6.04 -34.80 -23.39
CA GLY H 52 -7.14 -34.73 -24.33
C GLY H 52 -7.70 -33.32 -24.29
N LYS H 53 -8.97 -33.14 -24.65
CA LYS H 53 -9.58 -31.82 -24.58
C LYS H 53 -9.59 -31.30 -23.14
N GLY H 54 -8.79 -30.26 -22.86
CA GLY H 54 -8.52 -29.79 -21.49
C GLY H 54 -9.79 -29.41 -20.76
N GLU H 55 -10.68 -28.72 -21.47
CA GLU H 55 -11.97 -28.28 -20.93
C GLU H 55 -12.82 -29.45 -20.39
N GLU H 56 -12.73 -30.62 -21.03
CA GLU H 56 -13.55 -31.75 -20.63
C GLU H 56 -13.00 -32.38 -19.38
N ILE H 57 -11.70 -32.24 -19.18
CA ILE H 57 -10.98 -32.84 -18.03
C ILE H 57 -11.14 -32.02 -16.73
N ILE H 58 -11.17 -30.70 -16.87
CA ILE H 58 -11.49 -29.77 -15.80
C ILE H 58 -12.89 -30.08 -15.29
N ARG H 59 -13.83 -30.03 -16.20
CA ARG H 59 -15.23 -30.35 -15.95
C ARG H 59 -15.48 -31.60 -15.12
N ALA H 60 -14.84 -32.69 -15.56
CA ALA H 60 -14.99 -34.01 -14.96
C ALA H 60 -13.95 -34.29 -13.86
N THR H 61 -13.03 -33.34 -13.62
CA THR H 61 -12.01 -33.47 -12.56
C THR H 61 -11.46 -34.87 -12.54
N VAL H 62 -10.92 -35.30 -13.69
CA VAL H 62 -10.72 -36.72 -13.90
C VAL H 62 -9.64 -37.29 -12.99
N ALA H 63 -8.55 -36.56 -12.79
CA ALA H 63 -7.49 -37.02 -11.86
C ALA H 63 -7.97 -37.24 -10.41
N ARG H 64 -8.75 -36.33 -9.87
CA ARG H 64 -9.31 -36.51 -8.50
C ARG H 64 -10.30 -37.68 -8.46
N ASP H 65 -11.13 -37.78 -9.49
CA ASP H 65 -12.24 -38.74 -9.51
C ASP H 65 -11.80 -40.16 -9.38
N VAL H 66 -10.72 -40.48 -10.11
CA VAL H 66 -10.21 -41.85 -10.13
C VAL H 66 -9.86 -42.21 -8.70
N ALA H 67 -9.21 -41.25 -8.03
CA ALA H 67 -8.80 -41.38 -6.63
C ALA H 67 -10.01 -41.47 -5.72
N ALA H 68 -10.85 -40.46 -5.82
CA ALA H 68 -12.06 -40.38 -5.05
C ALA H 68 -12.98 -41.65 -5.18
N LEU H 69 -13.02 -42.25 -6.37
CA LEU H 69 -13.82 -43.44 -6.62
C LEU H 69 -13.19 -44.61 -5.95
N MET H 70 -11.88 -44.68 -6.01
CA MET H 70 -11.18 -45.76 -5.36
C MET H 70 -11.48 -45.64 -3.88
N GLU H 71 -11.11 -44.51 -3.30
CA GLU H 71 -11.24 -44.35 -1.87
C GLU H 71 -12.68 -44.50 -1.39
N PHE H 72 -13.57 -43.69 -1.94
CA PHE H 72 -14.89 -43.53 -1.38
C PHE H 72 -15.81 -44.71 -1.71
N LYS H 73 -15.73 -45.23 -2.94
CA LYS H 73 -16.63 -46.32 -3.41
C LYS H 73 -15.98 -47.69 -3.44
N GLY H 74 -14.68 -47.79 -3.17
CA GLY H 74 -13.96 -49.05 -3.07
C GLY H 74 -13.48 -49.68 -4.37
N LEU H 75 -13.66 -48.99 -5.50
CA LEU H 75 -13.34 -49.59 -6.79
C LEU H 75 -11.84 -49.73 -6.94
N SER H 76 -11.41 -50.65 -7.78
CA SER H 76 -9.97 -50.83 -8.06
C SER H 76 -9.47 -49.69 -8.96
N LEU H 77 -8.16 -49.57 -9.13
CA LEU H 77 -7.63 -48.61 -10.13
C LEU H 77 -8.37 -48.79 -11.46
N LYS H 78 -8.50 -50.02 -11.93
CA LYS H 78 -9.01 -50.28 -13.28
C LYS H 78 -10.48 -49.93 -13.42
N GLU H 79 -11.28 -50.32 -12.44
CA GLU H 79 -12.70 -50.01 -12.46
C GLU H 79 -12.92 -48.52 -12.45
N ALA H 80 -12.19 -47.82 -11.58
CA ALA H 80 -12.29 -46.35 -11.48
C ALA H 80 -11.71 -45.61 -12.67
N ALA H 81 -10.59 -46.09 -13.19
CA ALA H 81 -10.00 -45.46 -14.37
C ALA H 81 -10.93 -45.63 -15.56
N ASP H 82 -11.54 -46.80 -15.68
CA ASP H 82 -12.46 -47.08 -16.78
C ASP H 82 -13.77 -46.28 -16.67
N PHE H 83 -14.25 -46.06 -15.45
CA PHE H 83 -15.52 -45.40 -15.22
C PHE H 83 -15.42 -43.91 -15.57
N VAL H 84 -14.36 -43.24 -15.13
CA VAL H 84 -14.20 -41.86 -15.48
C VAL H 84 -14.09 -41.70 -16.98
N ILE H 85 -13.25 -42.52 -17.60
CA ILE H 85 -12.95 -42.43 -19.02
C ILE H 85 -14.10 -42.90 -19.93
N HIS H 86 -14.71 -44.04 -19.65
CA HIS H 86 -15.77 -44.54 -20.56
C HIS H 86 -17.20 -44.22 -20.12
N GLU H 87 -17.39 -43.52 -19.00
CA GLU H 87 -18.74 -43.24 -18.42
C GLU H 87 -19.07 -41.80 -18.09
N ARG H 88 -18.08 -41.05 -17.61
CA ARG H 88 -18.30 -39.73 -17.05
C ARG H 88 -17.61 -38.67 -17.88
N THR H 89 -17.07 -39.04 -19.04
CA THR H 89 -16.40 -38.10 -19.96
C THR H 89 -16.71 -38.45 -21.45
N PRO H 90 -16.91 -37.45 -22.32
CA PRO H 90 -17.40 -37.79 -23.68
C PRO H 90 -16.37 -38.47 -24.60
N LYS H 91 -16.86 -39.42 -25.39
CA LYS H 91 -16.05 -40.18 -26.33
C LYS H 91 -15.20 -39.20 -27.14
N GLY H 92 -13.97 -39.60 -27.43
CA GLY H 92 -13.11 -38.84 -28.30
C GLY H 92 -12.53 -37.63 -27.66
N THR H 93 -12.53 -37.56 -26.33
CA THR H 93 -12.05 -36.38 -25.58
C THR H 93 -10.88 -36.60 -24.58
N VAL H 94 -10.75 -37.78 -23.97
CA VAL H 94 -9.79 -37.90 -22.87
C VAL H 94 -9.16 -39.27 -22.65
N GLY H 95 -7.86 -39.24 -22.41
CA GLY H 95 -7.15 -40.42 -21.98
C GLY H 95 -6.33 -40.10 -20.76
N LEU H 96 -5.99 -41.16 -20.05
CA LEU H 96 -5.30 -41.04 -18.80
C LEU H 96 -4.39 -42.24 -18.58
N ILE H 97 -3.36 -42.00 -17.79
CA ILE H 97 -2.54 -43.05 -17.23
C ILE H 97 -2.61 -43.02 -15.72
N ALA H 98 -2.41 -44.16 -15.09
CA ALA H 98 -2.44 -44.18 -13.63
C ALA H 98 -1.75 -45.39 -13.05
N VAL H 99 -1.15 -45.20 -11.87
CA VAL H 99 -0.67 -46.29 -11.05
C VAL H 99 -1.28 -46.29 -9.65
N SER H 100 -1.41 -47.47 -9.06
CA SER H 100 -1.93 -47.63 -7.72
C SER H 100 -0.78 -47.71 -6.71
N ALA H 101 -1.10 -47.49 -5.44
CA ALA H 101 -0.13 -47.75 -4.36
C ALA H 101 0.44 -49.19 -4.39
N ALA H 102 -0.37 -50.17 -4.84
CA ALA H 102 0.05 -51.59 -4.93
C ALA H 102 0.89 -51.87 -6.16
N GLY H 103 0.89 -50.96 -7.13
CA GLY H 103 1.67 -51.13 -8.36
C GLY H 103 0.83 -51.44 -9.59
N GLU H 104 -0.49 -51.26 -9.50
CA GLU H 104 -1.33 -51.49 -10.66
C GLU H 104 -1.17 -50.35 -11.63
N ILE H 105 -1.36 -50.66 -12.90
CA ILE H 105 -1.27 -49.71 -14.00
C ILE H 105 -2.59 -49.77 -14.78
N ALA H 106 -3.14 -48.60 -15.09
CA ALA H 106 -4.33 -48.48 -15.92
C ALA H 106 -4.14 -47.29 -16.81
N MET H 107 -4.36 -47.50 -18.09
CA MET H 107 -4.23 -46.45 -19.08
C MET H 107 -5.47 -46.39 -20.04
N PRO H 108 -6.70 -46.29 -19.48
CA PRO H 108 -7.85 -46.12 -20.38
C PRO H 108 -7.81 -44.82 -21.18
N PHE H 109 -8.51 -44.78 -22.30
CA PHE H 109 -8.64 -43.56 -23.10
C PHE H 109 -9.77 -43.77 -24.06
N ASN H 110 -10.46 -42.69 -24.42
CA ASN H 110 -11.59 -42.79 -25.36
C ASN H 110 -11.33 -42.01 -26.66
N THR H 111 -10.06 -41.68 -26.85
CA THR H 111 -9.59 -41.07 -28.10
C THR H 111 -9.30 -42.20 -29.09
N THR H 112 -8.83 -41.87 -30.28
CA THR H 112 -8.39 -42.90 -31.24
C THR H 112 -7.13 -43.55 -30.72
N GLY H 113 -6.33 -42.78 -30.01
CA GLY H 113 -5.10 -43.29 -29.43
C GLY H 113 -4.57 -42.47 -28.30
N MET H 114 -3.50 -42.98 -27.69
CA MET H 114 -2.73 -42.26 -26.68
C MET H 114 -1.29 -42.82 -26.72
N PHE H 115 -0.34 -42.02 -27.19
CA PHE H 115 1.06 -42.47 -27.15
C PHE H 115 1.33 -42.78 -25.69
N ARG H 116 1.78 -44.01 -25.42
CA ARG H 116 1.98 -44.44 -24.04
C ARG H 116 3.01 -45.53 -23.90
N ALA H 117 3.44 -45.72 -22.65
CA ALA H 117 4.39 -46.77 -22.26
C ALA H 117 4.33 -46.94 -20.76
N CYS H 118 4.64 -48.14 -20.29
CA CYS H 118 4.57 -48.45 -18.84
C CYS H 118 5.52 -49.60 -18.50
N ALA H 119 5.81 -49.79 -17.21
CA ALA H 119 6.74 -50.86 -16.79
C ALA H 119 6.66 -51.19 -15.31
N THR H 120 7.15 -52.38 -14.96
CA THR H 120 7.17 -52.83 -13.58
C THR H 120 8.49 -53.49 -13.25
N GLU H 121 8.81 -53.50 -11.95
CA GLU H 121 9.99 -54.21 -11.46
C GLU H 121 9.95 -55.66 -11.90
N ASP H 122 8.76 -56.24 -11.97
CA ASP H 122 8.60 -57.61 -12.43
C ASP H 122 9.05 -57.87 -13.86
N GLY H 123 9.32 -56.83 -14.64
CA GLY H 123 9.86 -57.01 -15.98
C GLY H 123 8.88 -56.65 -17.08
N TYR H 124 7.62 -56.37 -16.73
CA TYR H 124 6.62 -55.95 -17.69
C TYR H 124 7.01 -54.65 -18.31
N SER H 125 6.82 -54.51 -19.60
CA SER H 125 6.83 -53.19 -20.25
C SER H 125 6.06 -53.25 -21.53
N GLU H 126 5.64 -52.09 -22.01
CA GLU H 126 4.77 -52.01 -23.19
C GLU H 126 4.92 -50.59 -23.68
N ILE H 127 5.04 -50.41 -24.99
CA ILE H 127 4.81 -49.10 -25.59
C ILE H 127 3.68 -49.30 -26.61
N ALA H 128 2.84 -48.29 -26.75
CA ALA H 128 1.60 -48.45 -27.53
C ALA H 128 1.02 -47.12 -27.99
N ILE H 129 0.18 -47.17 -29.04
CA ILE H 129 -0.52 -46.00 -29.56
C ILE H 129 -2.04 -46.18 -29.59
N TRP H 130 -2.50 -47.30 -30.15
CA TRP H 130 -3.93 -47.57 -30.28
C TRP H 130 -4.34 -48.59 -29.23
N PRO H 131 -5.64 -48.85 -29.08
CA PRO H 131 -6.09 -49.79 -28.08
C PRO H 131 -5.44 -51.15 -28.25
N THR H 132 -5.29 -51.90 -27.16
CA THR H 132 -4.55 -53.16 -27.24
C THR H 132 -5.29 -54.20 -28.16
N THR H 133 -6.56 -53.93 -28.50
CA THR H 133 -7.30 -54.62 -29.59
C THR H 133 -8.59 -53.88 -30.01
NA NA I . 6.50 24.22 33.64
CL CL J . 1.98 30.08 21.73
NA NA K . -2.77 15.34 -6.42
CL CL L . 11.99 19.87 -19.88
CL CL M . 8.34 16.75 2.57
NA NA N . -15.38 -6.30 -2.53
CL CL O . -22.07 -14.61 14.97
CL CL P . -6.66 -17.64 -1.74
NA NA Q . 8.04 -31.56 -26.79
CL CL R . -5.37 -28.80 -23.20
#